data_5MFE
#
_entry.id   5MFE
#
_cell.length_a   82.000
_cell.length_b   103.673
_cell.length_c   134.182
_cell.angle_alpha   90.00
_cell.angle_beta   90.00
_cell.angle_gamma   90.00
#
_symmetry.space_group_name_H-M   'P 21 21 21'
#
loop_
_entity.id
_entity.type
_entity.pdbx_description
1 polymer YIIIM5AII
2 polymer (RR)4
3 non-polymer 1,2-ETHANEDIOL
4 non-polymer 'CALCIUM ION'
5 water water
#
loop_
_entity_poly.entity_id
_entity_poly.type
_entity_poly.pdbx_seq_one_letter_code
_entity_poly.pdbx_strand_id
1 'polypeptide(L)'
;GPGSELPQMVQQLNSPDQQELQSALRKLSQIASGGNEQIQAVIDAGALPALVQLLSSPNEQILQEALWALSNIASGGNEQ
IQAVIDAGALPALVQLLSSPNEQILQEALWALSNIASGGNEQIQAVIDAGALPALVQLLSSPNEQILQEALWALSNIASG
GNEQIQAVIDAGALPALVQLLSSPNEQILQEALWALSNIASGGNEQIQAVIDAGALPALVQLLSSPNEQILQEALWALSN
IASGGNEQKQAVKEAGALEKLEQLQSHENEKIQKEAQEALEKLQSH
;
A,B,C,D
2 'polypeptide(L)' RRRRRRRR E
#
loop_
_chem_comp.id
_chem_comp.type
_chem_comp.name
_chem_comp.formula
CA non-polymer 'CALCIUM ION' 'Ca 2'
EDO non-polymer 1,2-ETHANEDIOL 'C2 H6 O2'
#
# COMPACT_ATOMS: atom_id res chain seq x y z
N GLU A 5 -28.36 16.47 -13.72
CA GLU A 5 -28.67 15.14 -13.21
C GLU A 5 -27.51 14.12 -13.44
N LEU A 6 -27.77 12.84 -13.11
CA LEU A 6 -26.85 11.68 -13.07
C LEU A 6 -25.88 11.55 -14.28
N PRO A 7 -26.31 11.56 -15.59
CA PRO A 7 -25.32 11.45 -16.68
C PRO A 7 -24.24 12.55 -16.66
N GLN A 8 -24.61 13.80 -16.31
CA GLN A 8 -23.67 14.92 -16.20
C GLN A 8 -22.67 14.70 -15.03
N MET A 9 -23.16 14.15 -13.90
CA MET A 9 -22.32 13.82 -12.73
C MET A 9 -21.27 12.76 -13.10
N VAL A 10 -21.72 11.67 -13.79
CA VAL A 10 -20.87 10.57 -14.27
C VAL A 10 -19.70 11.15 -15.12
N GLN A 11 -20.03 12.04 -16.08
CA GLN A 11 -19.09 12.72 -16.97
C GLN A 11 -17.99 13.49 -16.22
N GLN A 12 -18.29 13.98 -15.01
CA GLN A 12 -17.35 14.70 -14.16
C GLN A 12 -16.36 13.76 -13.44
N LEU A 13 -16.61 12.45 -13.41
CA LEU A 13 -15.70 11.51 -12.71
C LEU A 13 -14.30 11.38 -13.34
N ASN A 14 -14.11 11.83 -14.60
CA ASN A 14 -12.78 11.84 -15.24
C ASN A 14 -12.23 13.28 -15.44
N SER A 15 -12.90 14.29 -14.86
CA SER A 15 -12.55 15.71 -14.93
C SER A 15 -11.18 16.01 -14.36
N PRO A 16 -10.40 16.93 -14.96
CA PRO A 16 -9.09 17.28 -14.37
C PRO A 16 -9.24 18.16 -13.14
N ASP A 17 -10.44 18.74 -12.94
CA ASP A 17 -10.82 19.60 -11.82
C ASP A 17 -11.35 18.70 -10.69
N GLN A 18 -10.51 18.53 -9.66
CA GLN A 18 -10.77 17.69 -8.50
C GLN A 18 -11.95 18.15 -7.64
N GLN A 19 -12.29 19.45 -7.70
CA GLN A 19 -13.42 19.99 -6.94
C GLN A 19 -14.71 19.50 -7.58
N GLU A 20 -14.82 19.64 -8.92
CA GLU A 20 -15.99 19.19 -9.67
C GLU A 20 -16.11 17.66 -9.64
N LEU A 21 -14.95 16.95 -9.65
CA LEU A 21 -14.92 15.48 -9.57
C LEU A 21 -15.53 15.04 -8.22
N GLN A 22 -14.98 15.59 -7.10
CA GLN A 22 -15.39 15.29 -5.72
C GLN A 22 -16.88 15.56 -5.47
N SER A 23 -17.39 16.69 -5.99
CA SER A 23 -18.80 17.06 -5.87
C SER A 23 -19.71 16.05 -6.55
N ALA A 24 -19.36 15.64 -7.78
CA ALA A 24 -20.12 14.64 -8.52
C ALA A 24 -20.05 13.27 -7.83
N LEU A 25 -18.83 12.86 -7.43
CA LEU A 25 -18.57 11.59 -6.74
C LEU A 25 -19.36 11.51 -5.42
N ARG A 26 -19.32 12.59 -4.61
CA ARG A 26 -20.05 12.64 -3.34
C ARG A 26 -21.57 12.51 -3.59
N LYS A 27 -22.10 13.16 -4.66
CA LYS A 27 -23.53 13.09 -4.99
C LYS A 27 -23.97 11.71 -5.47
N LEU A 28 -23.18 11.08 -6.34
CA LEU A 28 -23.50 9.75 -6.87
C LEU A 28 -23.51 8.71 -5.76
N SER A 29 -22.54 8.84 -4.84
CA SER A 29 -22.38 7.98 -3.68
C SER A 29 -23.60 8.11 -2.75
N GLN A 30 -24.10 9.35 -2.53
CA GLN A 30 -25.30 9.64 -1.72
C GLN A 30 -26.53 8.94 -2.33
N ILE A 31 -26.64 8.93 -3.67
CA ILE A 31 -27.77 8.32 -4.37
C ILE A 31 -27.65 6.80 -4.25
N ALA A 32 -26.43 6.27 -4.48
CA ALA A 32 -26.13 4.84 -4.39
C ALA A 32 -26.36 4.26 -2.99
N SER A 33 -26.46 5.14 -1.95
CA SER A 33 -26.71 4.71 -0.58
C SER A 33 -28.23 4.58 -0.24
N GLY A 34 -29.10 4.92 -1.19
CA GLY A 34 -30.55 4.81 -1.05
C GLY A 34 -31.08 3.44 -1.44
N GLY A 35 -32.29 3.39 -1.99
CA GLY A 35 -32.90 2.12 -2.41
C GLY A 35 -32.28 1.50 -3.64
N ASN A 36 -32.68 0.25 -3.96
CA ASN A 36 -32.23 -0.50 -5.13
C ASN A 36 -32.55 0.25 -6.43
N GLU A 37 -33.64 1.05 -6.46
CA GLU A 37 -34.07 1.86 -7.60
C GLU A 37 -33.11 3.03 -7.79
N GLN A 38 -32.56 3.56 -6.67
CA GLN A 38 -31.59 4.68 -6.70
C GLN A 38 -30.27 4.15 -7.20
N ILE A 39 -29.89 2.93 -6.74
CA ILE A 39 -28.70 2.19 -7.16
C ILE A 39 -28.81 1.95 -8.70
N GLN A 40 -29.98 1.42 -9.16
CA GLN A 40 -30.24 1.15 -10.59
C GLN A 40 -30.13 2.42 -11.45
N ALA A 41 -30.57 3.58 -10.92
CA ALA A 41 -30.46 4.86 -11.60
C ALA A 41 -28.97 5.24 -11.81
N VAL A 42 -28.10 4.88 -10.84
CA VAL A 42 -26.66 5.13 -10.89
C VAL A 42 -25.97 4.21 -11.93
N ILE A 43 -26.36 2.91 -11.95
CA ILE A 43 -25.84 1.94 -12.93
C ILE A 43 -26.23 2.40 -14.34
N ASP A 44 -27.53 2.75 -14.54
CA ASP A 44 -28.12 3.19 -15.80
C ASP A 44 -27.48 4.42 -16.41
N ALA A 45 -27.00 5.34 -15.56
CA ALA A 45 -26.30 6.57 -15.92
C ALA A 45 -24.83 6.28 -16.36
N GLY A 46 -24.37 5.03 -16.20
CA GLY A 46 -23.03 4.59 -16.58
C GLY A 46 -21.92 4.90 -15.57
N ALA A 47 -22.25 4.98 -14.27
CA ALA A 47 -21.25 5.31 -13.24
C ALA A 47 -20.20 4.24 -12.97
N LEU A 48 -20.56 2.96 -13.08
CA LEU A 48 -19.69 1.82 -12.76
C LEU A 48 -18.31 1.81 -13.44
N PRO A 49 -18.14 1.96 -14.79
CA PRO A 49 -16.77 1.95 -15.35
C PRO A 49 -15.92 3.10 -14.82
N ALA A 50 -16.55 4.28 -14.69
CA ALA A 50 -15.95 5.49 -14.16
C ALA A 50 -15.49 5.31 -12.70
N LEU A 51 -16.34 4.69 -11.85
CA LEU A 51 -16.05 4.44 -10.42
C LEU A 51 -14.91 3.44 -10.27
N VAL A 52 -14.87 2.43 -11.18
CA VAL A 52 -13.84 1.40 -11.17
C VAL A 52 -12.47 2.04 -11.50
N GLN A 53 -12.42 2.93 -12.53
CA GLN A 53 -11.18 3.64 -12.90
C GLN A 53 -10.60 4.40 -11.70
N LEU A 54 -11.48 4.95 -10.86
CA LEU A 54 -11.12 5.70 -9.66
C LEU A 54 -10.47 4.83 -8.60
N LEU A 55 -10.52 3.51 -8.76
CA LEU A 55 -9.90 2.61 -7.77
C LEU A 55 -8.36 2.58 -7.91
N SER A 56 -7.82 3.08 -9.04
CA SER A 56 -6.39 3.21 -9.35
C SER A 56 -5.84 4.53 -8.82
N SER A 57 -6.70 5.40 -8.26
CA SER A 57 -6.29 6.73 -7.78
C SER A 57 -5.40 6.74 -6.53
N PRO A 58 -4.31 7.56 -6.50
CA PRO A 58 -3.49 7.67 -5.28
C PRO A 58 -4.14 8.64 -4.27
N ASN A 59 -5.27 9.22 -4.67
CA ASN A 59 -6.00 10.18 -3.87
C ASN A 59 -6.99 9.44 -2.96
N GLU A 60 -6.69 9.42 -1.65
CA GLU A 60 -7.50 8.72 -0.65
C GLU A 60 -8.87 9.36 -0.44
N GLN A 61 -9.00 10.67 -0.73
CA GLN A 61 -10.26 11.40 -0.61
C GLN A 61 -11.22 10.84 -1.69
N ILE A 62 -10.70 10.63 -2.92
CA ILE A 62 -11.46 10.07 -4.04
C ILE A 62 -11.76 8.60 -3.76
N LEU A 63 -10.70 7.83 -3.46
CA LEU A 63 -10.74 6.39 -3.21
C LEU A 63 -11.81 5.96 -2.19
N GLN A 64 -11.88 6.64 -1.02
CA GLN A 64 -12.85 6.36 0.03
C GLN A 64 -14.29 6.54 -0.43
N GLU A 65 -14.54 7.60 -1.21
CA GLU A 65 -15.87 7.90 -1.70
C GLU A 65 -16.29 6.92 -2.77
N ALA A 66 -15.38 6.58 -3.71
CA ALA A 66 -15.64 5.62 -4.79
C ALA A 66 -15.93 4.21 -4.25
N LEU A 67 -15.10 3.75 -3.29
CA LEU A 67 -15.24 2.45 -2.63
C LEU A 67 -16.55 2.34 -1.89
N TRP A 68 -16.99 3.43 -1.21
CA TRP A 68 -18.25 3.48 -0.48
C TRP A 68 -19.42 3.34 -1.45
N ALA A 69 -19.36 4.05 -2.61
CA ALA A 69 -20.37 4.02 -3.67
C ALA A 69 -20.46 2.60 -4.25
N LEU A 70 -19.31 1.97 -4.55
CA LEU A 70 -19.25 0.61 -5.12
C LEU A 70 -19.78 -0.46 -4.17
N SER A 71 -19.43 -0.37 -2.88
CA SER A 71 -19.90 -1.27 -1.82
C SER A 71 -21.43 -1.21 -1.68
N ASN A 72 -21.99 0.00 -1.77
CA ASN A 72 -23.43 0.20 -1.66
C ASN A 72 -24.16 -0.26 -2.92
N ILE A 73 -23.52 -0.17 -4.12
CA ILE A 73 -24.14 -0.66 -5.36
C ILE A 73 -24.22 -2.21 -5.27
N ALA A 74 -23.13 -2.82 -4.76
CA ALA A 74 -22.98 -4.26 -4.53
C ALA A 74 -23.87 -4.76 -3.36
N SER A 75 -24.56 -3.85 -2.65
CA SER A 75 -25.50 -4.23 -1.60
C SER A 75 -26.91 -4.43 -2.19
N GLY A 76 -27.06 -4.22 -3.49
CA GLY A 76 -28.33 -4.40 -4.20
C GLY A 76 -28.52 -5.83 -4.65
N GLY A 77 -29.34 -6.00 -5.67
CA GLY A 77 -29.63 -7.31 -6.25
C GLY A 77 -28.45 -7.99 -6.93
N ASN A 78 -28.62 -9.27 -7.24
CA ASN A 78 -27.61 -10.10 -7.90
C ASN A 78 -27.19 -9.56 -9.28
N GLU A 79 -28.11 -8.88 -9.99
CA GLU A 79 -27.86 -8.24 -11.29
C GLU A 79 -27.06 -6.96 -11.07
N GLN A 80 -27.29 -6.28 -9.93
CA GLN A 80 -26.55 -5.07 -9.61
C GLN A 80 -25.12 -5.47 -9.19
N ILE A 81 -24.96 -6.63 -8.55
CA ILE A 81 -23.65 -7.20 -8.20
C ILE A 81 -22.92 -7.60 -9.50
N GLN A 82 -23.66 -8.24 -10.44
CA GLN A 82 -23.09 -8.66 -11.74
C GLN A 82 -22.54 -7.47 -12.52
N ALA A 83 -23.29 -6.34 -12.53
CA ALA A 83 -22.87 -5.10 -13.16
C ALA A 83 -21.50 -4.61 -12.57
N VAL A 84 -21.34 -4.71 -11.23
CA VAL A 84 -20.10 -4.34 -10.52
C VAL A 84 -18.94 -5.24 -11.03
N ILE A 85 -19.18 -6.58 -11.11
CA ILE A 85 -18.20 -7.56 -11.59
C ILE A 85 -17.84 -7.28 -13.05
N ASP A 86 -18.86 -7.09 -13.92
CA ASP A 86 -18.68 -6.82 -15.35
C ASP A 86 -17.92 -5.52 -15.65
N ALA A 87 -17.99 -4.54 -14.73
CA ALA A 87 -17.27 -3.27 -14.85
C ALA A 87 -15.79 -3.44 -14.47
N GLY A 88 -15.40 -4.64 -14.04
CA GLY A 88 -14.02 -4.96 -13.70
C GLY A 88 -13.59 -4.52 -12.32
N ALA A 89 -14.55 -4.46 -11.36
CA ALA A 89 -14.21 -4.03 -9.98
C ALA A 89 -13.35 -5.00 -9.19
N LEU A 90 -13.50 -6.33 -9.42
CA LEU A 90 -12.81 -7.34 -8.61
C LEU A 90 -11.28 -7.25 -8.59
N PRO A 91 -10.52 -7.17 -9.70
CA PRO A 91 -9.04 -7.08 -9.55
C PRO A 91 -8.61 -5.84 -8.75
N ALA A 92 -9.27 -4.69 -8.97
CA ALA A 92 -8.98 -3.44 -8.26
C ALA A 92 -9.25 -3.59 -6.76
N LEU A 93 -10.35 -4.28 -6.37
CA LEU A 93 -10.72 -4.53 -4.97
C LEU A 93 -9.77 -5.51 -4.29
N VAL A 94 -9.37 -6.60 -5.01
CA VAL A 94 -8.40 -7.59 -4.50
C VAL A 94 -7.04 -6.91 -4.29
N GLN A 95 -6.63 -6.03 -5.22
CA GLN A 95 -5.38 -5.28 -5.12
C GLN A 95 -5.32 -4.44 -3.83
N LEU A 96 -6.45 -3.84 -3.42
CA LEU A 96 -6.54 -3.00 -2.22
C LEU A 96 -6.45 -3.80 -0.92
N LEU A 97 -6.44 -5.14 -0.99
CA LEU A 97 -6.35 -5.98 0.21
C LEU A 97 -4.95 -5.97 0.85
N SER A 98 -3.95 -5.47 0.13
CA SER A 98 -2.57 -5.39 0.62
C SER A 98 -2.24 -3.95 1.02
N SER A 99 -3.27 -3.08 1.12
CA SER A 99 -3.08 -1.69 1.51
C SER A 99 -2.74 -1.56 2.99
N PRO A 100 -1.76 -0.69 3.36
CA PRO A 100 -1.47 -0.46 4.79
C PRO A 100 -2.48 0.53 5.41
N ASN A 101 -3.35 1.12 4.58
CA ASN A 101 -4.41 2.06 4.98
C ASN A 101 -5.64 1.26 5.45
N GLU A 102 -5.86 1.23 6.78
CA GLU A 102 -6.96 0.49 7.44
C GLU A 102 -8.34 0.90 6.97
N GLN A 103 -8.52 2.21 6.68
CA GLN A 103 -9.79 2.75 6.21
C GLN A 103 -10.10 2.15 4.83
N ILE A 104 -9.12 2.20 3.88
CA ILE A 104 -9.26 1.66 2.52
C ILE A 104 -9.40 0.13 2.56
N LEU A 105 -8.62 -0.51 3.42
CA LEU A 105 -8.68 -1.96 3.61
C LEU A 105 -10.10 -2.36 4.09
N GLN A 106 -10.65 -1.71 5.14
CA GLN A 106 -11.99 -2.04 5.57
C GLN A 106 -13.03 -1.87 4.46
N GLU A 107 -12.96 -0.78 3.67
CA GLU A 107 -13.92 -0.51 2.60
C GLU A 107 -13.85 -1.54 1.48
N ALA A 108 -12.62 -1.93 1.05
CA ALA A 108 -12.43 -2.94 0.00
C ALA A 108 -13.01 -4.30 0.46
N LEU A 109 -12.81 -4.66 1.77
CA LEU A 109 -13.35 -5.89 2.41
C LEU A 109 -14.89 -5.85 2.40
N TRP A 110 -15.48 -4.67 2.67
CA TRP A 110 -16.93 -4.47 2.66
C TRP A 110 -17.53 -4.70 1.25
N ALA A 111 -16.88 -4.17 0.21
CA ALA A 111 -17.31 -4.34 -1.18
C ALA A 111 -17.20 -5.82 -1.61
N LEU A 112 -16.11 -6.51 -1.24
CA LEU A 112 -15.91 -7.91 -1.59
C LEU A 112 -16.91 -8.79 -0.88
N SER A 113 -17.18 -8.49 0.41
CA SER A 113 -18.17 -9.18 1.24
C SER A 113 -19.58 -9.11 0.59
N ASN A 114 -19.96 -7.91 0.11
CA ASN A 114 -21.22 -7.66 -0.56
C ASN A 114 -21.33 -8.40 -1.89
N ILE A 115 -20.26 -8.40 -2.69
CA ILE A 115 -20.25 -9.15 -3.95
C ILE A 115 -20.41 -10.65 -3.63
N ALA A 116 -19.63 -11.16 -2.64
CA ALA A 116 -19.66 -12.56 -2.19
C ALA A 116 -21.02 -12.95 -1.50
N SER A 117 -21.96 -11.99 -1.39
CA SER A 117 -23.28 -12.28 -0.84
C SER A 117 -24.25 -12.67 -1.97
N GLY A 118 -23.77 -12.64 -3.22
CA GLY A 118 -24.54 -13.01 -4.38
C GLY A 118 -24.54 -14.51 -4.68
N GLY A 119 -24.75 -14.85 -5.95
CA GLY A 119 -24.80 -16.22 -6.46
C GLY A 119 -23.47 -16.95 -6.43
N ASN A 120 -23.52 -18.30 -6.61
CA ASN A 120 -22.33 -19.16 -6.60
C ASN A 120 -21.26 -18.71 -7.61
N GLU A 121 -21.67 -18.28 -8.82
CA GLU A 121 -20.77 -17.80 -9.87
C GLU A 121 -20.11 -16.47 -9.48
N GLN A 122 -20.86 -15.60 -8.78
CA GLN A 122 -20.39 -14.31 -8.28
C GLN A 122 -19.33 -14.53 -7.21
N ILE A 123 -19.56 -15.49 -6.29
CA ILE A 123 -18.58 -15.89 -5.27
C ILE A 123 -17.34 -16.42 -5.99
N GLN A 124 -17.52 -17.29 -7.02
CA GLN A 124 -16.43 -17.86 -7.79
C GLN A 124 -15.61 -16.77 -8.47
N ALA A 125 -16.25 -15.72 -9.00
CA ALA A 125 -15.53 -14.56 -9.57
C ALA A 125 -14.64 -13.91 -8.49
N VAL A 126 -15.09 -13.88 -7.21
CA VAL A 126 -14.29 -13.32 -6.09
C VAL A 126 -13.06 -14.19 -5.82
N ILE A 127 -13.22 -15.52 -5.88
CA ILE A 127 -12.13 -16.47 -5.68
C ILE A 127 -11.12 -16.44 -6.86
N ASP A 128 -11.65 -16.36 -8.11
CA ASP A 128 -10.83 -16.32 -9.31
C ASP A 128 -9.94 -15.05 -9.35
N ALA A 129 -10.42 -13.92 -8.80
CA ALA A 129 -9.69 -12.66 -8.68
C ALA A 129 -8.50 -12.74 -7.66
N GLY A 130 -8.52 -13.76 -6.78
CA GLY A 130 -7.46 -14.02 -5.81
C GLY A 130 -7.61 -13.47 -4.40
N ALA A 131 -8.85 -13.27 -3.94
CA ALA A 131 -9.13 -12.73 -2.60
C ALA A 131 -8.80 -13.64 -1.41
N LEU A 132 -8.93 -14.97 -1.56
CA LEU A 132 -8.81 -15.91 -0.42
C LEU A 132 -7.48 -15.86 0.35
N PRO A 133 -6.26 -15.95 -0.27
CA PRO A 133 -5.03 -15.89 0.56
C PRO A 133 -4.93 -14.64 1.44
N ALA A 134 -5.29 -13.45 0.93
CA ALA A 134 -5.28 -12.22 1.73
C ALA A 134 -6.32 -12.32 2.87
N LEU A 135 -7.53 -12.88 2.59
CA LEU A 135 -8.58 -13.07 3.60
C LEU A 135 -8.16 -13.98 4.75
N VAL A 136 -7.56 -15.16 4.44
CA VAL A 136 -7.18 -16.10 5.48
C VAL A 136 -6.04 -15.52 6.33
N GLN A 137 -5.07 -14.80 5.71
CA GLN A 137 -3.98 -14.13 6.41
C GLN A 137 -4.57 -13.08 7.39
N LEU A 138 -5.61 -12.33 6.95
CA LEU A 138 -6.29 -11.33 7.76
C LEU A 138 -6.98 -11.93 9.02
N LEU A 139 -7.17 -13.27 9.05
CA LEU A 139 -7.72 -13.93 10.23
C LEU A 139 -6.79 -13.82 11.46
N SER A 140 -5.48 -13.52 11.21
CA SER A 140 -4.41 -13.39 12.21
C SER A 140 -4.17 -11.92 12.63
N SER A 141 -4.91 -10.98 12.02
CA SER A 141 -4.79 -9.56 12.33
C SER A 141 -5.11 -9.26 13.82
N PRO A 142 -4.25 -8.50 14.52
CA PRO A 142 -4.58 -8.11 15.91
C PRO A 142 -5.62 -6.97 15.94
N ASN A 143 -6.03 -6.47 14.76
CA ASN A 143 -7.00 -5.39 14.56
C ASN A 143 -8.39 -6.05 14.39
N GLU A 144 -9.25 -5.94 15.44
CA GLU A 144 -10.59 -6.53 15.51
C GLU A 144 -11.50 -6.13 14.36
N GLN A 145 -11.48 -4.86 13.99
CA GLN A 145 -12.28 -4.36 12.89
C GLN A 145 -11.93 -5.05 11.56
N ILE A 146 -10.63 -5.12 11.21
CA ILE A 146 -10.17 -5.80 10.00
C ILE A 146 -10.55 -7.30 10.05
N LEU A 147 -10.25 -7.95 11.21
CA LEU A 147 -10.55 -9.35 11.46
C LEU A 147 -12.03 -9.63 11.18
N GLN A 148 -12.94 -8.89 11.82
CA GLN A 148 -14.39 -9.05 11.64
C GLN A 148 -14.85 -8.85 10.19
N GLU A 149 -14.27 -7.88 9.47
CA GLU A 149 -14.66 -7.63 8.10
C GLU A 149 -14.18 -8.76 7.21
N ALA A 150 -12.94 -9.23 7.45
CA ALA A 150 -12.35 -10.35 6.69
C ALA A 150 -13.17 -11.62 6.92
N LEU A 151 -13.56 -11.86 8.18
CA LEU A 151 -14.36 -13.00 8.65
C LEU A 151 -15.75 -13.02 8.00
N TRP A 152 -16.39 -11.84 7.89
CA TRP A 152 -17.68 -11.65 7.24
C TRP A 152 -17.57 -11.91 5.73
N ALA A 153 -16.45 -11.50 5.08
CA ALA A 153 -16.23 -11.79 3.64
C ALA A 153 -16.08 -13.31 3.41
N LEU A 154 -15.24 -13.97 4.24
N LEU A 154 -15.24 -13.98 4.23
CA LEU A 154 -14.96 -15.41 4.17
CA LEU A 154 -14.95 -15.41 4.16
C LEU A 154 -16.20 -16.27 4.39
C LEU A 154 -16.21 -16.27 4.38
N SER A 155 -17.11 -15.85 5.28
CA SER A 155 -18.37 -16.57 5.58
C SER A 155 -19.31 -16.52 4.37
N ASN A 156 -19.33 -15.37 3.68
CA ASN A 156 -20.17 -15.19 2.50
C ASN A 156 -19.66 -16.05 1.35
N ILE A 157 -18.34 -16.21 1.24
CA ILE A 157 -17.72 -17.09 0.24
C ILE A 157 -18.01 -18.56 0.63
N ALA A 158 -17.88 -18.88 1.94
CA ALA A 158 -18.15 -20.22 2.44
C ALA A 158 -19.65 -20.58 2.33
N SER A 159 -20.51 -19.59 2.04
CA SER A 159 -21.94 -19.82 1.88
C SER A 159 -22.29 -20.31 0.48
N GLY A 160 -21.34 -20.32 -0.46
CA GLY A 160 -21.54 -20.79 -1.82
C GLY A 160 -21.69 -22.30 -1.91
N GLY A 161 -21.46 -22.85 -3.10
CA GLY A 161 -21.54 -24.28 -3.32
C GLY A 161 -20.24 -25.01 -3.04
N ASN A 162 -20.18 -26.31 -3.44
CA ASN A 162 -19.09 -27.28 -3.30
C ASN A 162 -17.72 -26.68 -3.65
N GLU A 163 -17.60 -26.12 -4.88
CA GLU A 163 -16.36 -25.53 -5.41
C GLU A 163 -15.88 -24.35 -4.56
N GLN A 164 -16.83 -23.49 -4.15
CA GLN A 164 -16.57 -22.30 -3.33
C GLN A 164 -16.08 -22.65 -1.92
N ILE A 165 -16.73 -23.64 -1.28
CA ILE A 165 -16.36 -24.12 0.05
C ILE A 165 -15.01 -24.81 -0.02
N GLN A 166 -14.79 -25.62 -1.06
CA GLN A 166 -13.51 -26.30 -1.22
C GLN A 166 -12.36 -25.30 -1.36
N ALA A 167 -12.59 -24.17 -2.04
CA ALA A 167 -11.61 -23.12 -2.20
C ALA A 167 -11.24 -22.54 -0.83
N VAL A 168 -12.25 -22.32 0.05
CA VAL A 168 -12.05 -21.82 1.42
C VAL A 168 -11.20 -22.81 2.20
N ILE A 169 -11.54 -24.13 2.11
CA ILE A 169 -10.79 -25.22 2.76
C ILE A 169 -9.35 -25.26 2.26
N ASP A 170 -9.15 -25.32 0.93
CA ASP A 170 -7.83 -25.36 0.32
C ASP A 170 -6.98 -24.12 0.67
N ALA A 171 -7.63 -22.94 0.86
CA ALA A 171 -6.95 -21.70 1.25
C ALA A 171 -6.44 -21.73 2.70
N GLY A 172 -6.81 -22.79 3.44
CA GLY A 172 -6.35 -23.07 4.80
C GLY A 172 -7.02 -22.28 5.90
N ALA A 173 -8.30 -21.96 5.69
CA ALA A 173 -9.11 -21.19 6.61
C ALA A 173 -9.47 -21.92 7.90
N LEU A 174 -9.62 -23.25 7.82
CA LEU A 174 -10.07 -24.09 8.93
C LEU A 174 -9.21 -24.03 10.21
N PRO A 175 -7.84 -24.18 10.21
CA PRO A 175 -7.12 -24.12 11.51
C PRO A 175 -7.35 -22.79 12.23
N ALA A 176 -7.32 -21.68 11.47
CA ALA A 176 -7.54 -20.32 11.96
C ALA A 176 -8.92 -20.15 12.52
N LEU A 177 -9.95 -20.67 11.80
CA LEU A 177 -11.35 -20.59 12.24
C LEU A 177 -11.60 -21.35 13.55
N VAL A 178 -10.98 -22.54 13.70
CA VAL A 178 -11.07 -23.39 14.90
C VAL A 178 -10.42 -22.68 16.10
N GLN A 179 -9.21 -22.11 15.92
CA GLN A 179 -8.50 -21.35 16.95
C GLN A 179 -9.33 -20.14 17.39
N LEU A 180 -10.08 -19.52 16.46
CA LEU A 180 -10.94 -18.37 16.78
C LEU A 180 -12.10 -18.74 17.71
N LEU A 181 -12.50 -20.05 17.78
CA LEU A 181 -13.58 -20.53 18.66
C LEU A 181 -13.22 -20.41 20.14
N SER A 182 -11.93 -20.12 20.44
CA SER A 182 -11.43 -19.93 21.80
C SER A 182 -11.36 -18.44 22.17
N SER A 183 -11.85 -17.55 21.28
CA SER A 183 -11.82 -16.11 21.51
C SER A 183 -12.80 -15.66 22.62
N PRO A 184 -12.36 -14.79 23.57
CA PRO A 184 -13.30 -14.30 24.59
C PRO A 184 -14.15 -13.14 24.03
N ASN A 185 -13.90 -12.76 22.77
CA ASN A 185 -14.60 -11.72 22.04
C ASN A 185 -15.77 -12.40 21.32
N GLU A 186 -17.01 -12.20 21.85
CA GLU A 186 -18.21 -12.86 21.33
C GLU A 186 -18.59 -12.43 19.91
N GLN A 187 -18.17 -11.23 19.47
CA GLN A 187 -18.41 -10.76 18.10
C GLN A 187 -17.57 -11.58 17.10
N ILE A 188 -16.28 -11.82 17.43
CA ILE A 188 -15.37 -12.62 16.60
C ILE A 188 -15.85 -14.08 16.66
N LEU A 189 -16.27 -14.53 17.87
CA LEU A 189 -16.79 -15.88 18.11
C LEU A 189 -17.99 -16.19 17.22
N GLN A 190 -19.03 -15.31 17.22
CA GLN A 190 -20.24 -15.45 16.40
C GLN A 190 -19.87 -15.60 14.90
N GLU A 191 -18.95 -14.74 14.43
CA GLU A 191 -18.51 -14.72 13.04
C GLU A 191 -17.71 -15.94 12.65
N ALA A 192 -16.84 -16.43 13.56
CA ALA A 192 -16.08 -17.65 13.34
C ALA A 192 -17.04 -18.83 13.23
N LEU A 193 -18.05 -18.86 14.13
CA LEU A 193 -19.13 -19.85 14.15
C LEU A 193 -19.96 -19.83 12.86
N TRP A 194 -20.25 -18.61 12.30
N TRP A 194 -20.25 -18.62 12.30
CA TRP A 194 -20.98 -18.40 11.05
CA TRP A 194 -21.03 -18.48 11.06
C TRP A 194 -20.24 -19.04 9.88
C TRP A 194 -20.26 -19.00 9.84
N ALA A 195 -18.92 -18.78 9.79
CA ALA A 195 -18.04 -19.26 8.73
C ALA A 195 -17.96 -20.78 8.77
N LEU A 196 -17.73 -21.36 9.98
CA LEU A 196 -17.66 -22.81 10.12
C LEU A 196 -19.01 -23.44 9.80
N SER A 197 -20.15 -22.79 10.20
CA SER A 197 -21.49 -23.33 9.90
C SER A 197 -21.71 -23.46 8.40
N ASN A 198 -21.18 -22.48 7.63
CA ASN A 198 -21.27 -22.44 6.18
C ASN A 198 -20.43 -23.57 5.52
N ILE A 199 -19.18 -23.79 5.99
CA ILE A 199 -18.31 -24.89 5.50
C ILE A 199 -19.00 -26.25 5.84
N ALA A 200 -19.63 -26.32 7.04
CA ALA A 200 -20.39 -27.49 7.52
C ALA A 200 -21.72 -27.68 6.74
N SER A 201 -22.12 -26.70 5.92
CA SER A 201 -23.33 -26.83 5.10
C SER A 201 -22.99 -27.42 3.71
N GLY A 202 -21.73 -27.82 3.52
CA GLY A 202 -21.24 -28.40 2.28
C GLY A 202 -21.38 -29.91 2.28
N GLY A 203 -20.67 -30.56 1.36
CA GLY A 203 -20.68 -32.02 1.24
C GLY A 203 -20.13 -32.73 2.46
N ASN A 204 -20.36 -34.06 2.56
CA ASN A 204 -19.88 -34.89 3.67
C ASN A 204 -18.39 -34.78 3.91
N GLU A 205 -17.61 -34.70 2.82
CA GLU A 205 -16.14 -34.59 2.86
C GLU A 205 -15.73 -33.24 3.40
N GLN A 206 -16.52 -32.22 3.12
CA GLN A 206 -16.27 -30.86 3.60
C GLN A 206 -16.61 -30.73 5.10
N ILE A 207 -17.65 -31.45 5.55
CA ILE A 207 -18.03 -31.50 6.97
C ILE A 207 -16.91 -32.22 7.74
N GLN A 208 -16.44 -33.36 7.18
CA GLN A 208 -15.34 -34.12 7.76
C GLN A 208 -14.09 -33.25 7.91
N ALA A 209 -13.83 -32.34 6.96
CA ALA A 209 -12.69 -31.42 7.01
C ALA A 209 -12.82 -30.50 8.26
N VAL A 210 -14.07 -30.03 8.56
CA VAL A 210 -14.36 -29.20 9.75
C VAL A 210 -14.04 -30.02 11.01
N ILE A 211 -14.48 -31.30 11.05
CA ILE A 211 -14.20 -32.25 12.14
C ILE A 211 -12.67 -32.46 12.30
N ASP A 212 -11.97 -32.79 11.19
CA ASP A 212 -10.53 -33.05 11.17
C ASP A 212 -9.71 -31.86 11.64
N ALA A 213 -10.23 -30.63 11.47
CA ALA A 213 -9.57 -29.40 11.91
C ALA A 213 -9.72 -29.17 13.42
N GLY A 214 -10.48 -30.03 14.09
CA GLY A 214 -10.68 -30.01 15.55
C GLY A 214 -11.80 -29.16 16.10
N ALA A 215 -12.81 -28.84 15.26
CA ALA A 215 -13.93 -27.98 15.62
C ALA A 215 -14.89 -28.54 16.69
N LEU A 216 -15.18 -29.85 16.66
CA LEU A 216 -16.15 -30.51 17.56
C LEU A 216 -15.88 -30.31 19.06
N PRO A 217 -14.67 -30.50 19.65
CA PRO A 217 -14.54 -30.28 21.11
C PRO A 217 -14.92 -28.87 21.54
N ALA A 218 -14.57 -27.86 20.72
CA ALA A 218 -14.90 -26.46 21.00
C ALA A 218 -16.41 -26.23 20.91
N LEU A 219 -17.06 -26.74 19.84
CA LEU A 219 -18.52 -26.62 19.63
C LEU A 219 -19.30 -27.25 20.79
N VAL A 220 -18.82 -28.41 21.29
CA VAL A 220 -19.40 -29.14 22.43
C VAL A 220 -19.25 -28.33 23.72
N GLN A 221 -18.04 -27.78 23.99
CA GLN A 221 -17.81 -26.92 25.15
C GLN A 221 -18.70 -25.68 25.11
N LEU A 222 -18.91 -25.12 23.88
CA LEU A 222 -19.78 -23.96 23.65
C LEU A 222 -21.26 -24.22 23.98
N LEU A 223 -21.69 -25.50 24.01
CA LEU A 223 -23.06 -25.86 24.37
C LEU A 223 -23.34 -25.63 25.88
N SER A 224 -22.29 -25.46 26.71
CA SER A 224 -22.43 -25.20 28.14
C SER A 224 -22.37 -23.70 28.48
N SER A 225 -22.33 -22.86 27.44
CA SER A 225 -22.26 -21.39 27.56
C SER A 225 -23.51 -20.79 28.22
N PRO A 226 -23.36 -19.88 29.23
CA PRO A 226 -24.54 -19.24 29.82
C PRO A 226 -25.15 -18.18 28.90
N ASN A 227 -24.51 -17.94 27.74
CA ASN A 227 -24.90 -16.98 26.72
C ASN A 227 -25.73 -17.69 25.64
N GLU A 228 -27.01 -17.30 25.52
CA GLU A 228 -28.01 -17.85 24.60
C GLU A 228 -27.68 -17.60 23.13
N GLN A 229 -27.05 -16.46 22.79
CA GLN A 229 -26.66 -16.13 21.41
C GLN A 229 -25.55 -17.06 20.90
N ILE A 230 -24.51 -17.29 21.73
CA ILE A 230 -23.37 -18.18 21.43
C ILE A 230 -23.93 -19.59 21.21
N LEU A 231 -24.81 -20.03 22.15
CA LEU A 231 -25.52 -21.31 22.19
C LEU A 231 -26.23 -21.58 20.88
N GLN A 232 -27.04 -20.62 20.39
CA GLN A 232 -27.74 -20.74 19.11
C GLN A 232 -26.75 -20.94 17.94
N GLU A 233 -25.65 -20.15 17.90
CA GLU A 233 -24.63 -20.22 16.84
C GLU A 233 -23.87 -21.53 16.80
N ALA A 234 -23.40 -22.05 17.97
CA ALA A 234 -22.74 -23.35 18.07
C ALA A 234 -23.72 -24.46 17.68
N LEU A 235 -25.02 -24.31 18.09
CA LEU A 235 -26.11 -25.24 17.78
C LEU A 235 -26.34 -25.36 16.28
N TRP A 236 -26.34 -24.24 15.54
CA TRP A 236 -26.52 -24.21 14.10
C TRP A 236 -25.34 -24.88 13.41
N ALA A 237 -24.09 -24.63 13.90
CA ALA A 237 -22.89 -25.26 13.36
C ALA A 237 -22.90 -26.77 13.60
N LEU A 238 -23.30 -27.23 14.81
CA LEU A 238 -23.37 -28.67 15.13
C LEU A 238 -24.45 -29.39 14.32
N SER A 239 -25.62 -28.76 14.17
CA SER A 239 -26.76 -29.28 13.42
C SER A 239 -26.39 -29.48 11.96
N ASN A 240 -25.59 -28.55 11.40
CA ASN A 240 -25.09 -28.64 10.04
C ASN A 240 -24.16 -29.83 9.87
N ILE A 241 -23.28 -30.07 10.88
CA ILE A 241 -22.34 -31.20 10.92
C ILE A 241 -23.10 -32.53 11.03
N ALA A 242 -24.16 -32.52 11.89
CA ALA A 242 -25.05 -33.64 12.15
C ALA A 242 -25.84 -34.09 10.91
N SER A 243 -25.96 -33.23 9.88
CA SER A 243 -26.68 -33.58 8.64
C SER A 243 -25.77 -34.26 7.59
N GLY A 244 -24.55 -34.62 7.99
CA GLY A 244 -23.60 -35.32 7.13
C GLY A 244 -23.91 -36.80 7.06
N GLY A 245 -22.91 -37.62 6.76
CA GLY A 245 -23.07 -39.07 6.68
C GLY A 245 -22.93 -39.76 8.02
N ASN A 246 -22.83 -41.11 8.01
CA ASN A 246 -22.65 -41.90 9.23
C ASN A 246 -21.30 -41.64 9.92
N GLU A 247 -20.24 -41.37 9.13
CA GLU A 247 -18.89 -41.09 9.64
C GLU A 247 -18.91 -39.78 10.46
N GLN A 248 -19.57 -38.76 9.90
CA GLN A 248 -19.71 -37.44 10.50
C GLN A 248 -20.59 -37.46 11.75
N LYS A 249 -21.74 -38.17 11.70
CA LYS A 249 -22.68 -38.32 12.84
C LYS A 249 -22.04 -39.04 14.02
N GLN A 250 -21.16 -40.03 13.73
CA GLN A 250 -20.45 -40.81 14.72
C GLN A 250 -19.42 -39.96 15.45
N ALA A 251 -18.70 -39.10 14.71
CA ALA A 251 -17.71 -38.17 15.25
C ALA A 251 -18.36 -37.23 16.27
N VAL A 252 -19.56 -36.67 15.94
CA VAL A 252 -20.35 -35.80 16.83
C VAL A 252 -20.74 -36.58 18.11
N LYS A 253 -21.15 -37.85 17.94
CA LYS A 253 -21.52 -38.74 19.05
C LYS A 253 -20.33 -39.01 19.97
N GLU A 254 -19.14 -39.23 19.39
CA GLU A 254 -17.91 -39.50 20.15
C GLU A 254 -17.35 -38.24 20.82
N ALA A 255 -17.77 -37.03 20.37
CA ALA A 255 -17.34 -35.73 20.90
C ALA A 255 -18.10 -35.30 22.17
N GLY A 256 -19.11 -36.10 22.57
CA GLY A 256 -19.93 -35.87 23.75
C GLY A 256 -21.13 -34.97 23.59
N ALA A 257 -21.51 -34.65 22.33
CA ALA A 257 -22.65 -33.77 22.03
C ALA A 257 -24.04 -34.27 22.50
N LEU A 258 -24.36 -35.59 22.38
CA LEU A 258 -25.69 -36.13 22.73
C LEU A 258 -26.19 -35.80 24.13
N GLU A 259 -25.31 -35.92 25.15
CA GLU A 259 -25.62 -35.62 26.56
C GLU A 259 -26.07 -34.15 26.69
N LYS A 260 -25.31 -33.22 26.07
CA LYS A 260 -25.63 -31.78 26.08
C LYS A 260 -26.91 -31.45 25.29
N LEU A 261 -27.08 -32.03 24.07
CA LEU A 261 -28.26 -31.80 23.24
C LEU A 261 -29.54 -32.28 23.94
N GLU A 262 -29.47 -33.44 24.64
CA GLU A 262 -30.59 -34.02 25.39
C GLU A 262 -31.10 -33.04 26.46
N GLN A 263 -30.17 -32.34 27.13
CA GLN A 263 -30.46 -31.35 28.17
C GLN A 263 -31.12 -30.11 27.59
N LEU A 264 -30.59 -29.61 26.44
CA LEU A 264 -31.05 -28.41 25.74
C LEU A 264 -32.44 -28.54 25.12
N GLN A 265 -32.93 -29.78 24.96
CA GLN A 265 -34.26 -30.13 24.47
C GLN A 265 -35.37 -29.50 25.35
N SER A 266 -35.02 -29.06 26.57
CA SER A 266 -35.94 -28.47 27.53
C SER A 266 -35.68 -26.97 27.82
N HIS A 267 -34.68 -26.36 27.15
CA HIS A 267 -34.32 -24.94 27.32
C HIS A 267 -35.54 -24.01 27.14
N GLU A 268 -35.64 -22.99 28.02
CA GLU A 268 -36.72 -21.97 28.04
C GLU A 268 -36.89 -21.27 26.67
N ASN A 269 -35.75 -21.00 26.00
CA ASN A 269 -35.69 -20.36 24.69
C ASN A 269 -36.16 -21.35 23.62
N GLU A 270 -37.29 -21.00 22.94
CA GLU A 270 -37.95 -21.85 21.93
C GLU A 270 -37.08 -22.12 20.73
N LYS A 271 -36.20 -21.16 20.38
CA LYS A 271 -35.27 -21.27 19.27
C LYS A 271 -34.19 -22.31 19.60
N ILE A 272 -33.59 -22.23 20.83
CA ILE A 272 -32.55 -23.16 21.31
C ILE A 272 -33.10 -24.58 21.30
N GLN A 273 -34.26 -24.80 21.96
CA GLN A 273 -34.94 -26.10 22.07
C GLN A 273 -35.18 -26.75 20.71
N LYS A 274 -35.74 -25.97 19.75
CA LYS A 274 -36.03 -26.43 18.40
C LYS A 274 -34.77 -26.94 17.70
N GLU A 275 -33.66 -26.18 17.78
CA GLU A 275 -32.39 -26.56 17.16
C GLU A 275 -31.77 -27.80 17.79
N ALA A 276 -31.85 -27.91 19.13
CA ALA A 276 -31.36 -29.05 19.91
C ALA A 276 -32.13 -30.32 19.52
N GLN A 277 -33.47 -30.22 19.32
CA GLN A 277 -34.30 -31.35 18.90
C GLN A 277 -33.95 -31.79 17.48
N GLU A 278 -33.78 -30.82 16.56
CA GLU A 278 -33.42 -31.09 15.16
C GLU A 278 -32.10 -31.86 15.05
N ALA A 279 -31.05 -31.38 15.75
CA ALA A 279 -29.72 -31.99 15.81
C ALA A 279 -29.79 -33.41 16.36
N LEU A 280 -30.55 -33.61 17.44
CA LEU A 280 -30.72 -34.91 18.09
C LEU A 280 -31.35 -35.93 17.11
N GLU A 281 -32.39 -35.50 16.36
CA GLU A 281 -33.08 -36.30 15.33
C GLU A 281 -32.08 -36.70 14.22
N LYS A 282 -31.25 -35.73 13.77
CA LYS A 282 -30.23 -35.95 12.75
C LYS A 282 -29.22 -37.02 13.17
N LEU A 283 -28.87 -37.07 14.47
CA LEU A 283 -27.92 -38.05 14.99
C LEU A 283 -28.56 -39.40 15.27
N GLN A 284 -29.80 -39.42 15.82
CA GLN A 284 -30.57 -40.63 16.16
C GLN A 284 -31.02 -41.45 14.93
N SER A 285 -31.03 -40.82 13.74
CA SER A 285 -31.42 -41.46 12.48
C SER A 285 -30.26 -41.43 11.48
N GLU B 5 -43.73 -1.87 21.85
CA GLU B 5 -43.42 -0.68 22.63
C GLU B 5 -41.96 -0.63 23.09
N LEU B 6 -41.41 0.59 23.15
CA LEU B 6 -40.02 0.88 23.52
C LEU B 6 -39.70 0.64 25.01
N PRO B 7 -40.55 0.99 26.02
CA PRO B 7 -40.16 0.72 27.42
C PRO B 7 -39.99 -0.76 27.76
N GLN B 8 -40.64 -1.65 26.98
CA GLN B 8 -40.54 -3.11 27.10
C GLN B 8 -39.12 -3.53 26.68
N MET B 9 -38.60 -2.91 25.58
CA MET B 9 -37.26 -3.13 25.04
C MET B 9 -36.19 -2.71 26.05
N VAL B 10 -36.42 -1.58 26.76
CA VAL B 10 -35.52 -1.04 27.78
C VAL B 10 -35.41 -2.04 28.95
N GLN B 11 -36.55 -2.66 29.33
CA GLN B 11 -36.64 -3.70 30.36
C GLN B 11 -35.86 -4.96 29.92
N GLN B 12 -35.86 -5.29 28.62
CA GLN B 12 -35.14 -6.43 28.05
C GLN B 12 -33.60 -6.24 28.06
N LEU B 13 -33.10 -5.04 28.37
CA LEU B 13 -31.65 -4.79 28.42
C LEU B 13 -30.94 -5.42 29.63
N ASN B 14 -31.71 -5.90 30.63
CA ASN B 14 -31.15 -6.57 31.79
C ASN B 14 -31.67 -8.02 31.90
N SER B 15 -32.17 -8.54 30.76
CA SER B 15 -32.69 -9.90 30.61
C SER B 15 -31.57 -10.95 30.70
N PRO B 16 -31.79 -12.06 31.44
CA PRO B 16 -30.76 -13.11 31.53
C PRO B 16 -30.54 -13.85 30.20
N ASP B 17 -31.49 -13.72 29.25
CA ASP B 17 -31.41 -14.33 27.93
C ASP B 17 -30.75 -13.33 26.96
N GLN B 18 -29.59 -13.72 26.40
CA GLN B 18 -28.82 -12.90 25.46
C GLN B 18 -29.55 -12.64 24.15
N GLN B 19 -30.23 -13.64 23.55
CA GLN B 19 -30.99 -13.42 22.30
C GLN B 19 -32.04 -12.32 22.47
N GLU B 20 -32.77 -12.34 23.60
CA GLU B 20 -33.79 -11.36 23.97
C GLU B 20 -33.16 -10.01 24.18
N LEU B 21 -32.05 -9.95 24.96
CA LEU B 21 -31.28 -8.72 25.27
C LEU B 21 -30.77 -8.06 23.98
N GLN B 22 -29.95 -8.79 23.20
CA GLN B 22 -29.35 -8.35 21.95
C GLN B 22 -30.36 -7.86 20.90
N SER B 23 -31.54 -8.52 20.81
CA SER B 23 -32.60 -8.14 19.87
C SER B 23 -33.25 -6.81 20.23
N ALA B 24 -33.42 -6.55 21.54
CA ALA B 24 -33.95 -5.28 22.07
C ALA B 24 -32.90 -4.17 21.86
N LEU B 25 -31.61 -4.49 22.11
CA LEU B 25 -30.49 -3.58 21.94
C LEU B 25 -30.34 -3.17 20.46
N ARG B 26 -30.50 -4.12 19.54
CA ARG B 26 -30.41 -3.85 18.09
C ARG B 26 -31.56 -2.97 17.65
N LYS B 27 -32.78 -3.28 18.08
CA LYS B 27 -33.98 -2.54 17.75
C LYS B 27 -33.87 -1.09 18.19
N LEU B 28 -33.50 -0.86 19.47
CA LEU B 28 -33.29 0.46 20.07
C LEU B 28 -32.23 1.30 19.33
N SER B 29 -31.14 0.66 18.86
CA SER B 29 -30.10 1.36 18.10
C SER B 29 -30.57 1.69 16.69
N GLN B 30 -31.40 0.80 16.11
CA GLN B 30 -31.99 0.96 14.78
C GLN B 30 -32.96 2.15 14.83
N ILE B 31 -33.77 2.24 15.90
CA ILE B 31 -34.73 3.33 16.07
C ILE B 31 -33.98 4.64 16.30
N ALA B 32 -32.92 4.62 17.13
CA ALA B 32 -32.05 5.76 17.46
C ALA B 32 -31.37 6.35 16.20
N SER B 33 -31.25 5.57 15.12
CA SER B 33 -30.58 5.99 13.87
C SER B 33 -31.53 6.64 12.84
N GLY B 34 -32.79 6.84 13.23
CA GLY B 34 -33.83 7.37 12.35
C GLY B 34 -34.41 8.74 12.63
N GLY B 35 -33.56 9.70 13.00
CA GLY B 35 -34.01 11.06 13.21
C GLY B 35 -34.33 11.42 14.65
N ASN B 36 -34.31 12.73 14.95
CA ASN B 36 -34.50 13.35 16.27
C ASN B 36 -35.79 12.97 16.98
N GLU B 37 -36.89 12.72 16.23
CA GLU B 37 -38.20 12.32 16.76
C GLU B 37 -38.07 10.93 17.40
N GLN B 38 -37.43 10.00 16.68
CA GLN B 38 -37.16 8.63 17.12
C GLN B 38 -36.10 8.59 18.22
N ILE B 39 -35.10 9.53 18.20
CA ILE B 39 -34.07 9.68 19.24
C ILE B 39 -34.76 10.09 20.55
N GLN B 40 -35.71 11.03 20.45
CA GLN B 40 -36.48 11.49 21.62
C GLN B 40 -37.34 10.38 22.24
N ALA B 41 -37.97 9.52 21.42
CA ALA B 41 -38.79 8.40 21.92
C ALA B 41 -37.97 7.35 22.67
N VAL B 42 -36.70 7.12 22.26
CA VAL B 42 -35.77 6.18 22.90
C VAL B 42 -35.33 6.76 24.25
N ILE B 43 -35.04 8.08 24.31
CA ILE B 43 -34.65 8.80 25.53
C ILE B 43 -35.81 8.73 26.52
N ASP B 44 -37.03 9.10 26.07
CA ASP B 44 -38.25 9.11 26.88
C ASP B 44 -38.61 7.71 27.44
N ALA B 45 -38.21 6.63 26.74
CA ALA B 45 -38.42 5.25 27.21
C ALA B 45 -37.47 4.86 28.34
N GLY B 46 -36.55 5.77 28.72
CA GLY B 46 -35.56 5.57 29.77
C GLY B 46 -34.41 4.65 29.40
N ALA B 47 -34.00 4.65 28.12
CA ALA B 47 -32.94 3.79 27.60
C ALA B 47 -31.51 4.22 27.96
N LEU B 48 -31.25 5.52 28.14
CA LEU B 48 -29.90 6.05 28.42
C LEU B 48 -29.19 5.46 29.67
N PRO B 49 -29.79 5.36 30.89
CA PRO B 49 -29.04 4.77 32.02
C PRO B 49 -28.66 3.31 31.79
N ALA B 50 -29.54 2.56 31.11
CA ALA B 50 -29.36 1.16 30.75
C ALA B 50 -28.23 1.02 29.73
N LEU B 51 -28.17 1.88 28.68
CA LEU B 51 -27.09 1.87 27.65
C LEU B 51 -25.70 2.17 28.23
N VAL B 52 -25.60 3.20 29.10
CA VAL B 52 -24.36 3.61 29.78
C VAL B 52 -23.85 2.45 30.65
N GLN B 53 -24.77 1.78 31.39
CA GLN B 53 -24.45 0.62 32.23
C GLN B 53 -23.83 -0.49 31.34
N LEU B 54 -24.37 -0.69 30.13
CA LEU B 54 -23.84 -1.67 29.18
C LEU B 54 -22.46 -1.31 28.61
N LEU B 55 -21.88 -0.14 28.96
CA LEU B 55 -20.54 0.26 28.47
C LEU B 55 -19.42 -0.45 29.21
N SER B 56 -19.73 -0.98 30.40
CA SER B 56 -18.77 -1.71 31.22
C SER B 56 -18.92 -3.24 31.05
N SER B 57 -19.71 -3.65 30.03
CA SER B 57 -19.94 -5.06 29.70
C SER B 57 -18.70 -5.68 29.04
N PRO B 58 -18.27 -6.91 29.45
CA PRO B 58 -17.11 -7.52 28.81
C PRO B 58 -17.48 -8.19 27.47
N ASN B 59 -18.79 -8.23 27.15
CA ASN B 59 -19.36 -8.81 25.93
C ASN B 59 -19.28 -7.79 24.78
N GLU B 60 -18.31 -7.99 23.84
CA GLU B 60 -18.08 -7.13 22.67
C GLU B 60 -19.31 -6.93 21.79
N GLN B 61 -20.18 -7.95 21.65
CA GLN B 61 -21.43 -7.88 20.87
C GLN B 61 -22.35 -6.85 21.52
N ILE B 62 -22.49 -6.88 22.88
CA ILE B 62 -23.30 -5.90 23.60
C ILE B 62 -22.67 -4.50 23.47
N LEU B 63 -21.37 -4.38 23.85
CA LEU B 63 -20.61 -3.13 23.83
C LEU B 63 -20.68 -2.45 22.46
N GLN B 64 -20.41 -3.18 21.37
CA GLN B 64 -20.50 -2.64 20.01
C GLN B 64 -21.89 -2.05 19.74
N GLU B 65 -22.97 -2.78 20.07
CA GLU B 65 -24.32 -2.31 19.81
C GLU B 65 -24.71 -1.11 20.69
N ALA B 66 -24.35 -1.13 21.98
CA ALA B 66 -24.64 -0.07 22.95
C ALA B 66 -23.92 1.25 22.59
N LEU B 67 -22.66 1.13 22.09
CA LEU B 67 -21.85 2.26 21.62
C LEU B 67 -22.48 2.81 20.34
N TRP B 68 -22.93 1.92 19.46
CA TRP B 68 -23.60 2.29 18.24
C TRP B 68 -24.92 3.03 18.56
N ALA B 69 -25.70 2.55 19.56
CA ALA B 69 -26.95 3.19 20.01
C ALA B 69 -26.70 4.60 20.54
N LEU B 70 -25.73 4.76 21.48
CA LEU B 70 -25.34 6.03 22.09
C LEU B 70 -24.79 7.05 21.09
N SER B 71 -24.00 6.60 20.07
CA SER B 71 -23.45 7.50 19.03
C SER B 71 -24.61 8.12 18.25
N ASN B 72 -25.57 7.26 17.83
CA ASN B 72 -26.75 7.66 17.08
C ASN B 72 -27.59 8.64 17.88
N ILE B 73 -27.79 8.39 19.19
CA ILE B 73 -28.54 9.29 20.08
C ILE B 73 -27.80 10.67 20.14
N ALA B 74 -26.45 10.62 20.28
CA ALA B 74 -25.60 11.82 20.31
C ALA B 74 -25.52 12.56 18.95
N SER B 75 -26.16 12.00 17.88
CA SER B 75 -26.20 12.64 16.56
C SER B 75 -27.42 13.59 16.47
N GLY B 76 -28.26 13.57 17.50
CA GLY B 76 -29.44 14.41 17.58
C GLY B 76 -29.14 15.83 17.97
N GLY B 77 -30.15 16.52 18.49
CA GLY B 77 -30.06 17.90 18.94
C GLY B 77 -29.24 18.07 20.20
N ASN B 78 -28.87 19.32 20.51
CA ASN B 78 -28.05 19.65 21.69
C ASN B 78 -28.63 19.16 23.02
N GLU B 79 -29.95 19.22 23.20
CA GLU B 79 -30.58 18.75 24.44
C GLU B 79 -30.63 17.24 24.52
N GLN B 80 -30.59 16.57 23.36
CA GLN B 80 -30.56 15.12 23.28
C GLN B 80 -29.13 14.63 23.61
N ILE B 81 -28.10 15.37 23.12
CA ILE B 81 -26.67 15.16 23.40
C ILE B 81 -26.44 15.31 24.93
N GLN B 82 -26.94 16.41 25.52
CA GLN B 82 -26.81 16.72 26.96
C GLN B 82 -27.37 15.59 27.84
N ALA B 83 -28.42 14.88 27.37
CA ALA B 83 -29.01 13.75 28.10
C ALA B 83 -28.04 12.55 28.12
N VAL B 84 -27.25 12.34 27.03
CA VAL B 84 -26.23 11.29 26.98
C VAL B 84 -25.13 11.60 28.03
N ILE B 85 -24.79 12.92 28.18
CA ILE B 85 -23.82 13.46 29.14
C ILE B 85 -24.33 13.25 30.57
N ASP B 86 -25.55 13.73 30.86
CA ASP B 86 -26.20 13.62 32.17
C ASP B 86 -26.37 12.16 32.64
N ALA B 87 -26.50 11.22 31.69
CA ALA B 87 -26.59 9.79 32.01
C ALA B 87 -25.18 9.20 32.38
N GLY B 88 -24.15 10.06 32.42
CA GLY B 88 -22.79 9.70 32.78
C GLY B 88 -21.99 8.90 31.76
N ALA B 89 -22.24 9.12 30.46
CA ALA B 89 -21.52 8.36 29.43
C ALA B 89 -20.07 8.76 29.21
N LEU B 90 -19.71 10.05 29.38
CA LEU B 90 -18.35 10.55 29.08
C LEU B 90 -17.19 9.83 29.81
N PRO B 91 -17.22 9.50 31.13
CA PRO B 91 -16.06 8.80 31.73
C PRO B 91 -15.77 7.44 31.08
N ALA B 92 -16.84 6.66 30.82
CA ALA B 92 -16.75 5.37 30.15
C ALA B 92 -16.20 5.50 28.75
N LEU B 93 -16.63 6.55 27.97
CA LEU B 93 -16.15 6.80 26.61
C LEU B 93 -14.67 7.16 26.55
N VAL B 94 -14.21 8.01 27.48
CA VAL B 94 -12.80 8.41 27.59
C VAL B 94 -11.92 7.21 27.96
N GLN B 95 -12.39 6.38 28.92
CA GLN B 95 -11.70 5.15 29.34
C GLN B 95 -11.60 4.17 28.17
N LEU B 96 -12.62 4.16 27.30
CA LEU B 96 -12.63 3.28 26.12
C LEU B 96 -11.62 3.70 25.04
N LEU B 97 -11.05 4.93 25.14
CA LEU B 97 -10.02 5.38 24.19
C LEU B 97 -8.68 4.62 24.38
N SER B 98 -8.55 3.86 25.49
CA SER B 98 -7.40 3.04 25.88
C SER B 98 -7.58 1.58 25.42
N SER B 99 -8.76 1.25 24.84
CA SER B 99 -9.06 -0.11 24.35
C SER B 99 -8.11 -0.54 23.22
N PRO B 100 -7.55 -1.77 23.31
CA PRO B 100 -6.70 -2.27 22.22
C PRO B 100 -7.54 -2.86 21.09
N ASN B 101 -8.89 -2.81 21.22
CA ASN B 101 -9.85 -3.28 20.23
C ASN B 101 -10.21 -2.08 19.34
N GLU B 102 -9.74 -2.11 18.08
CA GLU B 102 -9.94 -1.05 17.08
C GLU B 102 -11.42 -0.76 16.75
N GLN B 103 -12.29 -1.80 16.81
CA GLN B 103 -13.73 -1.67 16.58
C GLN B 103 -14.35 -0.80 17.72
N ILE B 104 -14.06 -1.16 18.99
CA ILE B 104 -14.53 -0.44 20.19
C ILE B 104 -13.97 0.99 20.19
N LEU B 105 -12.65 1.14 19.94
CA LEU B 105 -11.98 2.45 19.89
C LEU B 105 -12.60 3.41 18.86
N GLN B 106 -12.93 2.93 17.64
CA GLN B 106 -13.55 3.78 16.61
C GLN B 106 -14.96 4.23 17.04
N GLU B 107 -15.78 3.28 17.54
CA GLU B 107 -17.13 3.61 17.99
C GLU B 107 -17.11 4.59 19.17
N ALA B 108 -16.14 4.43 20.10
CA ALA B 108 -15.96 5.34 21.22
C ALA B 108 -15.62 6.74 20.69
N LEU B 109 -14.81 6.81 19.61
CA LEU B 109 -14.44 8.09 18.96
C LEU B 109 -15.64 8.75 18.27
N TRP B 110 -16.48 7.94 17.60
CA TRP B 110 -17.73 8.37 16.96
C TRP B 110 -18.60 9.08 17.99
N ALA B 111 -18.86 8.38 19.13
CA ALA B 111 -19.69 8.85 20.23
C ALA B 111 -19.20 10.19 20.77
N LEU B 112 -17.89 10.30 21.06
CA LEU B 112 -17.26 11.54 21.57
C LEU B 112 -17.29 12.65 20.53
N SER B 113 -17.08 12.31 19.28
CA SER B 113 -17.11 13.27 18.17
C SER B 113 -18.53 13.82 18.04
N ASN B 114 -19.56 12.98 18.13
CA ASN B 114 -20.96 13.38 18.02
C ASN B 114 -21.37 14.23 19.23
N ILE B 115 -20.91 13.88 20.43
CA ILE B 115 -21.20 14.66 21.65
C ILE B 115 -20.63 16.09 21.48
N ALA B 116 -19.40 16.18 20.96
CA ALA B 116 -18.69 17.43 20.73
C ALA B 116 -19.19 18.16 19.46
N SER B 117 -20.18 17.59 18.74
CA SER B 117 -20.77 18.26 17.58
C SER B 117 -21.88 19.24 18.03
N GLY B 118 -22.20 19.22 19.32
CA GLY B 118 -23.18 20.09 19.95
C GLY B 118 -22.71 21.49 20.22
N GLY B 119 -23.32 22.12 21.22
CA GLY B 119 -22.99 23.48 21.63
C GLY B 119 -21.78 23.52 22.55
N ASN B 120 -21.41 24.72 23.01
CA ASN B 120 -20.26 24.94 23.87
C ASN B 120 -20.36 24.21 25.21
N GLU B 121 -21.57 24.00 25.75
CA GLU B 121 -21.77 23.25 27.01
C GLU B 121 -21.41 21.75 26.78
N GLN B 122 -21.85 21.18 25.65
CA GLN B 122 -21.58 19.78 25.32
C GLN B 122 -20.10 19.62 24.94
N ILE B 123 -19.53 20.56 24.14
CA ILE B 123 -18.10 20.55 23.78
C ILE B 123 -17.24 20.58 25.06
N GLN B 124 -17.57 21.49 26.01
CA GLN B 124 -16.85 21.67 27.27
C GLN B 124 -16.89 20.41 28.12
N ALA B 125 -18.04 19.70 28.13
CA ALA B 125 -18.19 18.47 28.91
C ALA B 125 -17.17 17.40 28.42
N VAL B 126 -16.96 17.30 27.10
CA VAL B 126 -15.97 16.38 26.50
C VAL B 126 -14.55 16.83 26.96
N ILE B 127 -14.26 18.15 26.89
CA ILE B 127 -12.97 18.67 27.35
C ILE B 127 -12.77 18.28 28.84
N ASP B 128 -13.76 18.57 29.69
CA ASP B 128 -13.73 18.33 31.15
C ASP B 128 -13.59 16.86 31.55
N ALA B 129 -14.04 15.93 30.70
CA ALA B 129 -13.94 14.48 30.90
C ALA B 129 -12.48 13.98 30.70
N GLY B 130 -11.65 14.80 30.06
CA GLY B 130 -10.24 14.51 29.82
C GLY B 130 -9.98 13.82 28.51
N ALA B 131 -10.80 14.10 27.47
CA ALA B 131 -10.62 13.44 26.17
C ALA B 131 -9.43 13.96 25.37
N LEU B 132 -9.10 15.27 25.48
CA LEU B 132 -8.05 15.92 24.67
C LEU B 132 -6.67 15.20 24.68
N PRO B 133 -5.98 14.91 25.81
CA PRO B 133 -4.68 14.22 25.70
C PRO B 133 -4.74 12.95 24.86
N ALA B 134 -5.77 12.09 25.03
CA ALA B 134 -5.93 10.86 24.24
C ALA B 134 -6.13 11.13 22.75
N LEU B 135 -6.95 12.15 22.40
CA LEU B 135 -7.21 12.53 21.02
C LEU B 135 -5.92 13.03 20.37
N VAL B 136 -5.14 13.87 21.10
CA VAL B 136 -3.87 14.40 20.56
C VAL B 136 -2.86 13.27 20.27
N GLN B 137 -2.78 12.26 21.17
CA GLN B 137 -1.90 11.10 21.05
C GLN B 137 -2.28 10.22 19.88
N LEU B 138 -3.60 10.13 19.59
CA LEU B 138 -4.12 9.35 18.47
C LEU B 138 -3.81 10.01 17.13
N LEU B 139 -3.40 11.29 17.11
CA LEU B 139 -2.98 11.96 15.88
C LEU B 139 -1.67 11.33 15.35
N SER B 140 -0.98 10.56 16.20
CA SER B 140 0.27 9.87 15.88
C SER B 140 0.05 8.39 15.52
N SER B 141 -1.22 7.94 15.42
CA SER B 141 -1.54 6.55 15.10
C SER B 141 -1.18 6.20 13.64
N PRO B 142 -0.60 5.01 13.38
CA PRO B 142 -0.34 4.60 11.97
C PRO B 142 -1.62 4.02 11.32
N ASN B 143 -2.73 4.00 12.06
CA ASN B 143 -4.04 3.51 11.62
C ASN B 143 -4.83 4.75 11.17
N GLU B 144 -5.05 4.88 9.85
CA GLU B 144 -5.71 6.00 9.16
C GLU B 144 -7.12 6.18 9.63
N GLN B 145 -7.81 5.08 9.89
CA GLN B 145 -9.16 5.12 10.40
C GLN B 145 -9.25 5.80 11.76
N ILE B 146 -8.42 5.37 12.73
CA ILE B 146 -8.43 5.96 14.07
C ILE B 146 -8.01 7.42 14.02
N LEU B 147 -6.94 7.72 13.26
CA LEU B 147 -6.42 9.07 13.06
C LEU B 147 -7.52 9.99 12.51
N GLN B 148 -8.18 9.58 11.44
CA GLN B 148 -9.26 10.35 10.84
C GLN B 148 -10.40 10.59 11.85
N GLU B 149 -10.79 9.57 12.64
CA GLU B 149 -11.85 9.69 13.64
C GLU B 149 -11.46 10.67 14.74
N ALA B 150 -10.19 10.60 15.21
CA ALA B 150 -9.62 11.48 16.21
C ALA B 150 -9.59 12.95 15.74
N LEU B 151 -9.28 13.18 14.43
CA LEU B 151 -9.25 14.51 13.80
C LEU B 151 -10.66 15.10 13.73
N TRP B 152 -11.68 14.28 13.38
CA TRP B 152 -13.07 14.75 13.36
C TRP B 152 -13.48 15.22 14.77
N ALA B 153 -13.07 14.45 15.80
CA ALA B 153 -13.36 14.77 17.20
C ALA B 153 -12.71 16.11 17.60
N LEU B 154 -11.41 16.30 17.26
CA LEU B 154 -10.71 17.54 17.59
C LEU B 154 -11.27 18.74 16.84
N SER B 155 -11.71 18.54 15.56
CA SER B 155 -12.32 19.57 14.70
C SER B 155 -13.62 20.05 15.35
N ASN B 156 -14.43 19.13 15.89
CA ASN B 156 -15.70 19.43 16.57
C ASN B 156 -15.42 20.21 17.85
N ILE B 157 -14.40 19.81 18.64
CA ILE B 157 -14.04 20.57 19.83
C ILE B 157 -13.62 22.04 19.46
N ALA B 158 -12.81 22.17 18.40
CA ALA B 158 -12.30 23.43 17.86
C ALA B 158 -13.39 24.28 17.15
N SER B 159 -14.61 23.74 17.00
CA SER B 159 -15.70 24.49 16.36
C SER B 159 -16.48 25.35 17.34
N GLY B 160 -16.18 25.23 18.64
CA GLY B 160 -16.85 26.00 19.66
C GLY B 160 -16.29 27.39 19.88
N GLY B 161 -16.50 27.92 21.08
CA GLY B 161 -16.03 29.25 21.44
C GLY B 161 -14.52 29.32 21.55
N ASN B 162 -13.99 30.53 21.84
CA ASN B 162 -12.56 30.77 21.96
C ASN B 162 -11.90 29.96 23.07
N GLU B 163 -12.62 29.72 24.18
CA GLU B 163 -12.16 28.94 25.33
C GLU B 163 -12.07 27.46 25.00
N GLN B 164 -12.96 26.96 24.11
CA GLN B 164 -12.93 25.56 23.69
C GLN B 164 -11.81 25.33 22.68
N ILE B 165 -11.56 26.32 21.79
CA ILE B 165 -10.44 26.28 20.85
C ILE B 165 -9.11 26.36 21.63
N GLN B 166 -9.06 27.20 22.68
CA GLN B 166 -7.86 27.34 23.50
C GLN B 166 -7.50 26.02 24.17
N ALA B 167 -8.53 25.23 24.54
CA ALA B 167 -8.29 23.91 25.15
C ALA B 167 -7.59 22.97 24.16
N VAL B 168 -7.96 22.98 22.86
CA VAL B 168 -7.34 22.15 21.81
C VAL B 168 -5.86 22.58 21.64
N ILE B 169 -5.60 23.91 21.65
CA ILE B 169 -4.25 24.43 21.52
C ILE B 169 -3.43 24.03 22.76
N ASP B 170 -4.01 24.21 23.96
CA ASP B 170 -3.34 23.87 25.21
C ASP B 170 -3.05 22.37 25.36
N ALA B 171 -3.74 21.52 24.59
CA ALA B 171 -3.52 20.08 24.59
C ALA B 171 -2.34 19.69 23.66
N GLY B 172 -1.78 20.69 22.96
CA GLY B 172 -0.66 20.50 22.05
C GLY B 172 -1.06 19.88 20.72
N ALA B 173 -2.27 20.18 20.21
CA ALA B 173 -2.72 19.61 18.93
C ALA B 173 -2.05 20.24 17.69
N LEU B 174 -1.67 21.53 17.75
CA LEU B 174 -1.13 22.29 16.62
C LEU B 174 0.15 21.72 16.02
N PRO B 175 1.21 21.32 16.76
CA PRO B 175 2.38 20.73 16.08
C PRO B 175 2.00 19.50 15.25
N ALA B 176 1.09 18.65 15.76
CA ALA B 176 0.65 17.47 15.02
C ALA B 176 -0.19 17.84 13.80
N LEU B 177 -1.08 18.86 13.90
CA LEU B 177 -1.92 19.33 12.79
C LEU B 177 -1.08 19.94 11.65
N VAL B 178 -0.06 20.72 12.00
CA VAL B 178 0.88 21.31 11.04
C VAL B 178 1.66 20.20 10.32
N GLN B 179 2.18 19.18 11.05
CA GLN B 179 2.88 18.06 10.40
C GLN B 179 1.96 17.33 9.39
N LEU B 180 0.65 17.21 9.73
CA LEU B 180 -0.32 16.54 8.86
C LEU B 180 -0.60 17.30 7.55
N LEU B 181 -0.19 18.59 7.47
CA LEU B 181 -0.32 19.40 6.24
C LEU B 181 0.65 18.90 5.16
N SER B 182 1.66 18.11 5.56
CA SER B 182 2.66 17.51 4.68
C SER B 182 2.28 16.07 4.30
N SER B 183 1.06 15.61 4.70
CA SER B 183 0.61 14.26 4.40
C SER B 183 0.29 14.08 2.93
N PRO B 184 0.74 12.97 2.31
CA PRO B 184 0.33 12.69 0.92
C PRO B 184 -1.10 12.11 0.91
N ASN B 185 -1.70 11.94 2.10
CA ASN B 185 -3.04 11.41 2.22
C ASN B 185 -4.05 12.57 2.18
N GLU B 186 -4.71 12.77 1.02
CA GLU B 186 -5.71 13.83 0.80
C GLU B 186 -6.87 13.85 1.77
N GLN B 187 -7.28 12.70 2.29
CA GLN B 187 -8.39 12.63 3.26
C GLN B 187 -7.94 13.22 4.60
N ILE B 188 -6.75 12.80 5.07
CA ILE B 188 -6.13 13.31 6.31
C ILE B 188 -5.80 14.80 6.15
N LEU B 189 -5.30 15.21 4.96
CA LEU B 189 -4.98 16.62 4.68
C LEU B 189 -6.23 17.50 4.84
N GLN B 190 -7.37 17.07 4.25
CA GLN B 190 -8.65 17.78 4.36
C GLN B 190 -9.10 17.96 5.80
N GLU B 191 -9.01 16.89 6.60
CA GLU B 191 -9.45 16.95 8.00
C GLU B 191 -8.56 17.86 8.83
N ALA B 192 -7.23 17.80 8.59
CA ALA B 192 -6.22 18.63 9.26
C ALA B 192 -6.45 20.08 8.87
N LEU B 193 -6.73 20.34 7.55
CA LEU B 193 -7.05 21.68 7.08
C LEU B 193 -8.34 22.20 7.75
N TRP B 194 -9.37 21.36 7.84
CA TRP B 194 -10.65 21.67 8.49
C TRP B 194 -10.49 21.97 9.97
N ALA B 195 -9.69 21.17 10.70
CA ALA B 195 -9.42 21.39 12.13
C ALA B 195 -8.69 22.73 12.32
N LEU B 196 -7.64 23.00 11.47
CA LEU B 196 -6.90 24.26 11.55
C LEU B 196 -7.79 25.46 11.21
N SER B 197 -8.73 25.30 10.24
CA SER B 197 -9.72 26.32 9.82
C SER B 197 -10.63 26.74 10.99
N ASN B 198 -11.08 25.75 11.77
CA ASN B 198 -11.94 25.90 12.93
C ASN B 198 -11.20 26.65 14.06
N ILE B 199 -9.91 26.32 14.28
CA ILE B 199 -9.07 26.97 15.27
C ILE B 199 -8.87 28.44 14.85
N ALA B 200 -8.60 28.65 13.53
CA ALA B 200 -8.43 29.96 12.90
C ALA B 200 -9.73 30.74 12.84
N SER B 201 -10.86 30.14 13.26
CA SER B 201 -12.11 30.87 13.28
C SER B 201 -12.39 31.46 14.68
N GLY B 202 -11.38 31.35 15.57
CA GLY B 202 -11.41 31.91 16.91
C GLY B 202 -10.89 33.34 16.94
N GLY B 203 -10.42 33.77 18.11
CA GLY B 203 -9.86 35.11 18.28
C GLY B 203 -8.47 35.24 17.69
N ASN B 204 -7.94 36.47 17.66
CA ASN B 204 -6.60 36.79 17.13
C ASN B 204 -5.51 35.94 17.80
N GLU B 205 -5.68 35.65 19.09
CA GLU B 205 -4.75 34.85 19.88
C GLU B 205 -4.73 33.41 19.34
N GLN B 206 -5.92 32.85 19.03
CA GLN B 206 -6.04 31.49 18.49
C GLN B 206 -5.44 31.43 17.08
N ILE B 207 -5.70 32.49 16.25
CA ILE B 207 -5.15 32.64 14.90
C ILE B 207 -3.60 32.70 14.96
N GLN B 208 -3.06 33.49 15.90
CA GLN B 208 -1.62 33.66 16.14
C GLN B 208 -0.92 32.36 16.52
N ALA B 209 -1.60 31.51 17.30
CA ALA B 209 -1.10 30.22 17.76
C ALA B 209 -0.89 29.28 16.57
N VAL B 210 -1.79 29.32 15.54
CA VAL B 210 -1.70 28.56 14.29
C VAL B 210 -0.41 29.02 13.53
N ILE B 211 -0.21 30.35 13.40
CA ILE B 211 0.96 30.99 12.75
C ILE B 211 2.27 30.58 13.48
N ASP B 212 2.29 30.72 14.82
CA ASP B 212 3.43 30.38 15.68
C ASP B 212 3.79 28.88 15.63
N ALA B 213 2.81 28.01 15.29
CA ALA B 213 3.02 26.57 15.14
C ALA B 213 3.67 26.22 13.77
N GLY B 214 3.75 27.20 12.87
CA GLY B 214 4.41 27.04 11.57
C GLY B 214 3.53 26.51 10.47
N ALA B 215 2.22 26.90 10.47
CA ALA B 215 1.26 26.47 9.45
C ALA B 215 1.32 27.27 8.14
N LEU B 216 1.76 28.54 8.19
CA LEU B 216 1.82 29.41 6.99
C LEU B 216 2.72 28.88 5.85
N PRO B 217 3.96 28.35 6.04
CA PRO B 217 4.70 27.81 4.89
C PRO B 217 3.99 26.61 4.22
N ALA B 218 3.40 25.71 5.02
CA ALA B 218 2.67 24.57 4.48
C ALA B 218 1.40 25.02 3.75
N LEU B 219 0.67 26.01 4.30
CA LEU B 219 -0.55 26.57 3.68
C LEU B 219 -0.25 27.21 2.33
N VAL B 220 0.81 28.04 2.26
CA VAL B 220 1.26 28.75 1.05
C VAL B 220 1.71 27.75 -0.04
N GLN B 221 2.37 26.65 0.37
CA GLN B 221 2.80 25.56 -0.53
C GLN B 221 1.57 24.87 -1.13
N LEU B 222 0.50 24.71 -0.33
CA LEU B 222 -0.74 24.09 -0.80
C LEU B 222 -1.49 24.93 -1.84
N LEU B 223 -1.23 26.28 -1.88
CA LEU B 223 -1.84 27.18 -2.87
C LEU B 223 -1.34 26.94 -4.32
N SER B 224 -0.26 26.16 -4.47
CA SER B 224 0.32 25.80 -5.76
C SER B 224 -0.12 24.42 -6.24
N SER B 225 -0.95 23.71 -5.44
CA SER B 225 -1.44 22.37 -5.76
C SER B 225 -2.23 22.27 -7.07
N PRO B 226 -1.99 21.22 -7.91
CA PRO B 226 -2.83 21.05 -9.12
C PRO B 226 -4.24 20.52 -8.78
N ASN B 227 -4.48 20.12 -7.50
CA ASN B 227 -5.75 19.61 -6.99
C ASN B 227 -6.61 20.80 -6.48
N GLU B 228 -7.70 21.12 -7.22
CA GLU B 228 -8.64 22.22 -6.93
C GLU B 228 -9.38 22.06 -5.60
N GLN B 229 -9.58 20.82 -5.15
CA GLN B 229 -10.26 20.50 -3.88
C GLN B 229 -9.36 20.89 -2.70
N ILE B 230 -8.05 20.57 -2.77
CA ILE B 230 -7.04 20.92 -1.76
C ILE B 230 -6.93 22.46 -1.72
N LEU B 231 -6.90 23.10 -2.91
CA LEU B 231 -6.82 24.54 -3.11
C LEU B 231 -7.97 25.21 -2.35
N GLN B 232 -9.19 24.67 -2.49
CA GLN B 232 -10.38 25.19 -1.83
C GLN B 232 -10.31 25.11 -0.32
N GLU B 233 -9.76 24.01 0.18
CA GLU B 233 -9.56 23.71 1.60
C GLU B 233 -8.48 24.61 2.21
N ALA B 234 -7.40 24.87 1.46
CA ALA B 234 -6.27 25.70 1.89
C ALA B 234 -6.69 27.17 1.89
N LEU B 235 -7.45 27.60 0.85
CA LEU B 235 -7.98 28.96 0.74
C LEU B 235 -8.89 29.25 1.92
N TRP B 236 -9.78 28.29 2.30
CA TRP B 236 -10.69 28.46 3.45
C TRP B 236 -9.90 28.67 4.75
N ALA B 237 -8.84 27.88 4.97
CA ALA B 237 -7.99 28.01 6.16
C ALA B 237 -7.28 29.37 6.16
N LEU B 238 -6.83 29.82 4.98
CA LEU B 238 -6.15 31.09 4.83
C LEU B 238 -7.06 32.27 5.05
N SER B 239 -8.29 32.19 4.53
CA SER B 239 -9.31 33.23 4.67
C SER B 239 -9.63 33.44 6.16
N ASN B 240 -9.67 32.34 6.96
CA ASN B 240 -9.88 32.43 8.39
C ASN B 240 -8.71 33.08 9.09
N ILE B 241 -7.46 32.78 8.66
CA ILE B 241 -6.24 33.40 9.21
C ILE B 241 -6.18 34.90 8.87
N ALA B 242 -6.51 35.26 7.61
CA ALA B 242 -6.55 36.65 7.10
C ALA B 242 -7.58 37.53 7.82
N SER B 243 -8.60 36.91 8.45
CA SER B 243 -9.67 37.61 9.17
C SER B 243 -9.22 38.17 10.54
N GLY B 244 -7.96 37.88 10.93
CA GLY B 244 -7.36 38.36 12.16
C GLY B 244 -6.88 39.79 12.07
N GLY B 245 -6.11 40.22 13.06
CA GLY B 245 -5.54 41.56 13.15
C GLY B 245 -4.45 41.85 12.15
N ASN B 246 -3.79 43.03 12.26
CA ASN B 246 -2.72 43.42 11.35
C ASN B 246 -1.46 42.62 11.55
N GLU B 247 -1.21 42.18 12.79
CA GLU B 247 -0.05 41.33 13.11
C GLU B 247 -0.18 39.97 12.39
N GLN B 248 -1.40 39.40 12.35
CA GLN B 248 -1.69 38.14 11.67
C GLN B 248 -1.66 38.29 10.16
N LYS B 249 -2.19 39.41 9.64
CA LYS B 249 -2.22 39.70 8.19
C LYS B 249 -0.80 39.82 7.66
N GLN B 250 0.07 40.52 8.41
CA GLN B 250 1.48 40.72 8.06
C GLN B 250 2.25 39.40 7.94
N ALA B 251 1.98 38.45 8.87
CA ALA B 251 2.62 37.13 8.89
C ALA B 251 2.31 36.33 7.62
N VAL B 252 1.05 36.42 7.14
CA VAL B 252 0.59 35.74 5.92
C VAL B 252 1.29 36.40 4.69
N LYS B 253 1.41 37.74 4.69
CA LYS B 253 2.09 38.49 3.63
C LYS B 253 3.56 38.08 3.59
N GLU B 254 4.22 37.98 4.78
CA GLU B 254 5.61 37.58 4.98
C GLU B 254 5.89 36.15 4.50
N ALA B 255 4.86 35.28 4.47
CA ALA B 255 4.98 33.89 4.00
C ALA B 255 4.80 33.77 2.46
N GLY B 256 4.50 34.90 1.82
CA GLY B 256 4.32 35.00 0.37
C GLY B 256 2.97 34.53 -0.16
N ALA B 257 1.90 34.69 0.63
CA ALA B 257 0.57 34.27 0.17
C ALA B 257 -0.02 35.16 -0.91
N LEU B 258 0.24 36.48 -0.83
CA LEU B 258 -0.24 37.52 -1.76
C LEU B 258 -0.01 37.11 -3.23
N GLU B 259 1.25 36.75 -3.55
CA GLU B 259 1.76 36.34 -4.86
C GLU B 259 1.01 35.10 -5.37
N LYS B 260 0.72 34.16 -4.46
CA LYS B 260 -0.01 32.92 -4.76
C LYS B 260 -1.51 33.23 -4.96
N LEU B 261 -2.08 34.13 -4.14
CA LEU B 261 -3.50 34.52 -4.24
C LEU B 261 -3.79 35.28 -5.53
N GLU B 262 -2.90 36.26 -5.88
CA GLU B 262 -2.99 37.09 -7.09
C GLU B 262 -2.96 36.21 -8.34
N GLN B 263 -2.10 35.17 -8.34
CA GLN B 263 -2.01 34.18 -9.40
C GLN B 263 -3.30 33.34 -9.48
N LEU B 264 -3.88 32.99 -8.33
CA LEU B 264 -5.12 32.20 -8.24
C LEU B 264 -6.37 32.97 -8.74
N GLN B 265 -6.25 34.29 -8.94
CA GLN B 265 -7.35 35.11 -9.49
C GLN B 265 -7.56 34.83 -11.00
N SER B 266 -6.55 34.19 -11.64
CA SER B 266 -6.57 33.82 -13.05
C SER B 266 -6.71 32.29 -13.25
N HIS B 267 -7.37 31.60 -12.29
CA HIS B 267 -7.64 30.15 -12.32
C HIS B 267 -8.92 29.83 -13.13
N GLU B 268 -8.94 28.66 -13.83
CA GLU B 268 -10.07 28.16 -14.62
C GLU B 268 -11.36 27.99 -13.77
N ASN B 269 -11.20 27.46 -12.55
CA ASN B 269 -12.26 27.21 -11.59
C ASN B 269 -12.71 28.55 -10.97
N GLU B 270 -13.98 28.91 -11.21
CA GLU B 270 -14.62 30.14 -10.71
C GLU B 270 -14.66 30.21 -9.19
N LYS B 271 -14.93 29.07 -8.50
CA LYS B 271 -14.97 29.02 -7.03
C LYS B 271 -13.59 29.34 -6.42
N ILE B 272 -12.49 28.95 -7.13
CA ILE B 272 -11.09 29.23 -6.73
C ILE B 272 -10.86 30.75 -6.89
N GLN B 273 -11.25 31.32 -8.07
CA GLN B 273 -11.17 32.77 -8.40
C GLN B 273 -11.81 33.62 -7.30
N LYS B 274 -13.07 33.29 -6.94
CA LYS B 274 -13.87 33.96 -5.92
C LYS B 274 -13.20 33.95 -4.54
N GLU B 275 -12.92 32.75 -4.00
CA GLU B 275 -12.31 32.60 -2.69
C GLU B 275 -10.92 33.23 -2.59
N ALA B 276 -10.08 33.09 -3.65
CA ALA B 276 -8.74 33.72 -3.66
C ALA B 276 -8.89 35.23 -3.56
N GLN B 277 -9.88 35.80 -4.26
CA GLN B 277 -10.17 37.22 -4.27
C GLN B 277 -10.57 37.70 -2.87
N GLU B 278 -11.54 37.01 -2.20
CA GLU B 278 -11.99 37.36 -0.86
C GLU B 278 -10.88 37.24 0.17
N ALA B 279 -9.98 36.24 0.01
CA ALA B 279 -8.83 36.01 0.88
C ALA B 279 -7.82 37.16 0.69
N LEU B 280 -7.39 37.42 -0.55
CA LEU B 280 -6.47 38.50 -0.93
C LEU B 280 -7.00 39.91 -0.50
N GLU B 281 -8.32 40.14 -0.64
CA GLU B 281 -9.02 41.38 -0.25
C GLU B 281 -9.06 41.55 1.27
N LYS B 282 -9.18 40.44 2.02
CA LYS B 282 -9.21 40.42 3.49
C LYS B 282 -7.82 40.75 4.05
N LEU B 283 -6.78 40.25 3.34
CA LEU B 283 -5.35 40.42 3.66
C LEU B 283 -4.90 41.85 3.44
N GLN B 284 -5.28 42.45 2.30
CA GLN B 284 -4.87 43.79 1.89
C GLN B 284 -5.77 44.90 2.45
N SER B 285 -6.68 44.54 3.38
CA SER B 285 -7.60 45.45 4.06
C SER B 285 -6.91 46.35 5.07
N HIS B 286 -7.38 47.60 5.20
CA HIS B 286 -6.88 48.60 6.14
C HIS B 286 -8.03 49.47 6.63
N SER C 4 43.70 -0.91 -28.47
CA SER C 4 42.31 -0.72 -28.85
C SER C 4 41.76 0.67 -28.42
N GLU C 5 40.43 0.87 -28.56
CA GLU C 5 39.75 2.10 -28.15
C GLU C 5 39.61 2.17 -26.62
N LEU C 6 39.61 1.00 -25.96
CA LEU C 6 39.41 0.86 -24.52
C LEU C 6 40.42 1.62 -23.64
N PRO C 7 41.77 1.55 -23.81
CA PRO C 7 42.64 2.33 -22.91
C PRO C 7 42.50 3.85 -23.09
N GLN C 8 42.09 4.32 -24.30
CA GLN C 8 41.81 5.73 -24.57
C GLN C 8 40.58 6.20 -23.79
N MET C 9 39.53 5.33 -23.71
CA MET C 9 38.30 5.62 -22.96
C MET C 9 38.66 5.72 -21.48
N VAL C 10 39.50 4.79 -21.01
CA VAL C 10 40.02 4.75 -19.62
C VAL C 10 40.75 6.07 -19.28
N GLN C 11 41.63 6.56 -20.19
CA GLN C 11 42.35 7.82 -20.01
C GLN C 11 41.38 9.02 -19.88
N GLN C 12 40.20 8.93 -20.51
CA GLN C 12 39.20 9.98 -20.41
C GLN C 12 38.42 9.97 -19.08
N LEU C 13 38.61 8.93 -18.22
CA LEU C 13 37.89 8.82 -16.94
C LEU C 13 38.28 9.86 -15.86
N ASN C 14 39.34 10.66 -16.09
CA ASN C 14 39.75 11.74 -15.17
C ASN C 14 39.81 13.11 -15.89
N SER C 15 39.17 13.18 -17.08
CA SER C 15 39.08 14.34 -17.96
C SER C 15 38.34 15.51 -17.28
N PRO C 16 38.81 16.76 -17.51
CA PRO C 16 38.08 17.91 -16.93
C PRO C 16 36.80 18.19 -17.73
N ASP C 17 36.62 17.45 -18.84
CA ASP C 17 35.44 17.56 -19.67
C ASP C 17 34.52 16.40 -19.29
N GLN C 18 33.50 16.73 -18.47
CA GLN C 18 32.50 15.82 -17.93
C GLN C 18 31.65 15.15 -18.98
N GLN C 19 31.47 15.80 -20.14
CA GLN C 19 30.71 15.24 -21.25
C GLN C 19 31.53 14.12 -21.89
N GLU C 20 32.86 14.35 -22.11
CA GLU C 20 33.81 13.36 -22.63
C GLU C 20 33.97 12.20 -21.63
N LEU C 21 33.97 12.54 -20.34
CA LEU C 21 34.10 11.59 -19.25
C LEU C 21 32.87 10.67 -19.26
N GLN C 22 31.64 11.25 -19.24
CA GLN C 22 30.39 10.50 -19.26
C GLN C 22 30.29 9.55 -20.48
N SER C 23 30.69 10.02 -21.68
CA SER C 23 30.71 9.19 -22.89
C SER C 23 31.61 7.97 -22.75
N ALA C 24 32.88 8.19 -22.33
CA ALA C 24 33.85 7.12 -22.12
C ALA C 24 33.36 6.13 -21.05
N LEU C 25 32.80 6.66 -19.95
CA LEU C 25 32.26 5.88 -18.83
C LEU C 25 31.09 5.02 -19.25
N ARG C 26 30.13 5.58 -20.04
CA ARG C 26 28.96 4.85 -20.56
C ARG C 26 29.42 3.68 -21.46
N LYS C 27 30.45 3.91 -22.32
CA LYS C 27 31.03 2.91 -23.24
C LYS C 27 31.72 1.73 -22.52
N LEU C 28 32.61 2.03 -21.55
CA LEU C 28 33.30 1.00 -20.75
C LEU C 28 32.26 0.21 -19.95
N SER C 29 31.24 0.92 -19.38
CA SER C 29 30.14 0.32 -18.61
C SER C 29 29.37 -0.66 -19.50
N GLN C 30 29.04 -0.24 -20.75
CA GLN C 30 28.33 -1.05 -21.74
C GLN C 30 29.12 -2.27 -22.15
N ILE C 31 30.44 -2.13 -22.41
CA ILE C 31 31.32 -3.27 -22.76
C ILE C 31 31.41 -4.26 -21.56
N ALA C 32 31.52 -3.75 -20.31
CA ALA C 32 31.57 -4.58 -19.08
C ALA C 32 30.29 -5.40 -18.87
N SER C 33 29.16 -4.99 -19.47
CA SER C 33 27.89 -5.70 -19.34
C SER C 33 27.65 -6.75 -20.46
N GLY C 34 28.62 -6.91 -21.36
CA GLY C 34 28.50 -7.82 -22.49
C GLY C 34 29.27 -9.13 -22.46
N GLY C 35 29.40 -9.74 -21.28
CA GLY C 35 30.10 -11.02 -21.15
C GLY C 35 31.49 -10.92 -20.53
N ASN C 36 32.01 -12.07 -20.07
CA ASN C 36 33.28 -12.17 -19.37
C ASN C 36 34.48 -11.87 -20.24
N GLU C 37 34.42 -12.23 -21.55
CA GLU C 37 35.53 -11.91 -22.48
C GLU C 37 35.63 -10.39 -22.59
N GLN C 38 34.47 -9.72 -22.66
CA GLN C 38 34.36 -8.25 -22.72
C GLN C 38 34.81 -7.60 -21.41
N ILE C 39 34.48 -8.22 -20.24
CA ILE C 39 34.90 -7.78 -18.89
C ILE C 39 36.43 -7.79 -18.85
N GLN C 40 37.06 -8.89 -19.32
CA GLN C 40 38.52 -9.01 -19.33
C GLN C 40 39.20 -7.93 -20.17
N ALA C 41 38.58 -7.55 -21.30
CA ALA C 41 39.08 -6.49 -22.18
C ALA C 41 39.11 -5.13 -21.44
N VAL C 42 38.10 -4.89 -20.58
CA VAL C 42 37.97 -3.66 -19.78
C VAL C 42 39.05 -3.61 -18.68
N ILE C 43 39.27 -4.77 -18.01
CA ILE C 43 40.29 -4.93 -16.95
C ILE C 43 41.66 -4.72 -17.56
N ASP C 44 41.92 -5.35 -18.74
CA ASP C 44 43.19 -5.27 -19.48
C ASP C 44 43.57 -3.86 -19.91
N ALA C 45 42.58 -3.02 -20.22
CA ALA C 45 42.74 -1.62 -20.62
C ALA C 45 43.06 -0.72 -19.41
N GLY C 46 43.06 -1.28 -18.20
CA GLY C 46 43.36 -0.59 -16.95
C GLY C 46 42.23 0.24 -16.38
N ALA C 47 40.97 -0.17 -16.58
CA ALA C 47 39.81 0.60 -16.11
C ALA C 47 39.56 0.60 -14.60
N LEU C 48 39.90 -0.49 -13.89
CA LEU C 48 39.59 -0.65 -12.46
C LEU C 48 40.18 0.46 -11.58
N PRO C 49 41.50 0.80 -11.60
CA PRO C 49 41.97 1.91 -10.75
C PRO C 49 41.29 3.25 -11.04
N ALA C 50 40.92 3.52 -12.31
CA ALA C 50 40.19 4.74 -12.70
C ALA C 50 38.73 4.69 -12.20
N LEU C 51 38.07 3.51 -12.28
CA LEU C 51 36.69 3.34 -11.80
C LEU C 51 36.63 3.48 -10.30
N VAL C 52 37.59 2.88 -9.54
CA VAL C 52 37.63 3.00 -8.06
C VAL C 52 37.81 4.47 -7.63
N GLN C 53 38.60 5.24 -8.39
CA GLN C 53 38.85 6.66 -8.14
C GLN C 53 37.56 7.47 -8.26
N LEU C 54 36.63 7.04 -9.13
CA LEU C 54 35.35 7.73 -9.30
C LEU C 54 34.36 7.45 -8.17
N LEU C 55 34.65 6.46 -7.28
CA LEU C 55 33.74 6.09 -6.18
C LEU C 55 33.61 7.16 -5.09
N SER C 56 34.50 8.15 -5.05
CA SER C 56 34.39 9.24 -4.08
C SER C 56 33.72 10.49 -4.68
N SER C 57 33.24 10.42 -5.93
CA SER C 57 32.63 11.56 -6.62
C SER C 57 31.33 12.09 -5.99
N PRO C 58 31.21 13.45 -5.85
CA PRO C 58 29.94 14.05 -5.41
C PRO C 58 28.93 14.12 -6.59
N ASN C 59 29.39 13.72 -7.79
CA ASN C 59 28.60 13.69 -9.02
C ASN C 59 27.91 12.33 -9.19
N GLU C 60 26.60 12.30 -8.90
CA GLU C 60 25.73 11.10 -8.95
C GLU C 60 25.57 10.52 -10.33
N GLN C 61 25.68 11.35 -11.37
CA GLN C 61 25.60 10.93 -12.78
C GLN C 61 26.82 10.05 -13.10
N ILE C 62 28.02 10.47 -12.68
CA ILE C 62 29.29 9.75 -12.85
C ILE C 62 29.26 8.49 -11.95
N LEU C 63 28.96 8.66 -10.66
CA LEU C 63 28.99 7.58 -9.67
C LEU C 63 28.06 6.40 -10.01
N GLN C 64 26.85 6.70 -10.52
CA GLN C 64 25.89 5.64 -10.87
C GLN C 64 26.44 4.77 -11.96
N GLU C 65 27.06 5.36 -12.98
CA GLU C 65 27.64 4.63 -14.10
C GLU C 65 28.92 3.90 -13.65
N ALA C 66 29.79 4.57 -12.84
CA ALA C 66 31.00 3.92 -12.29
C ALA C 66 30.61 2.66 -11.46
N LEU C 67 29.56 2.75 -10.60
CA LEU C 67 29.10 1.62 -9.80
C LEU C 67 28.54 0.51 -10.66
N TRP C 68 27.83 0.88 -11.73
CA TRP C 68 27.23 -0.05 -12.67
C TRP C 68 28.31 -0.90 -13.34
N ALA C 69 29.38 -0.24 -13.84
CA ALA C 69 30.50 -0.91 -14.47
C ALA C 69 31.20 -1.85 -13.51
N LEU C 70 31.47 -1.38 -12.28
CA LEU C 70 32.13 -2.20 -11.26
C LEU C 70 31.33 -3.47 -10.90
N SER C 71 29.99 -3.37 -10.71
CA SER C 71 29.08 -4.49 -10.43
C SER C 71 29.10 -5.49 -11.59
N ASN C 72 29.12 -4.98 -12.82
CA ASN C 72 29.16 -5.81 -14.00
C ASN C 72 30.50 -6.52 -14.12
N ILE C 73 31.61 -5.84 -13.74
CA ILE C 73 32.95 -6.44 -13.75
C ILE C 73 32.94 -7.55 -12.68
N ALA C 74 32.37 -7.26 -11.51
CA ALA C 74 32.21 -8.20 -10.40
C ALA C 74 31.25 -9.36 -10.69
N SER C 75 30.64 -9.42 -11.89
CA SER C 75 29.75 -10.54 -12.28
C SER C 75 30.50 -11.63 -13.08
N GLY C 76 31.76 -11.34 -13.44
CA GLY C 76 32.63 -12.28 -14.16
C GLY C 76 33.18 -13.36 -13.26
N GLY C 77 34.19 -14.10 -13.73
CA GLY C 77 34.83 -15.16 -12.96
C GLY C 77 35.51 -14.66 -11.70
N ASN C 78 35.85 -15.59 -10.79
CA ASN C 78 36.49 -15.25 -9.49
C ASN C 78 37.72 -14.38 -9.61
N GLU C 79 38.52 -14.60 -10.65
CA GLU C 79 39.74 -13.85 -10.96
C GLU C 79 39.42 -12.40 -11.38
N GLN C 80 38.25 -12.18 -12.02
CA GLN C 80 37.82 -10.84 -12.42
C GLN C 80 37.27 -10.12 -11.19
N ILE C 81 36.66 -10.88 -10.23
CA ILE C 81 36.19 -10.34 -8.95
C ILE C 81 37.42 -9.92 -8.11
N GLN C 82 38.46 -10.78 -8.09
CA GLN C 82 39.71 -10.49 -7.36
C GLN C 82 40.38 -9.21 -7.83
N ALA C 83 40.35 -8.97 -9.16
CA ALA C 83 40.91 -7.77 -9.78
C ALA C 83 40.22 -6.52 -9.20
N VAL C 84 38.90 -6.60 -8.98
CA VAL C 84 38.08 -5.53 -8.39
C VAL C 84 38.55 -5.26 -6.94
N ILE C 85 38.70 -6.35 -6.13
CA ILE C 85 39.20 -6.27 -4.74
C ILE C 85 40.62 -5.68 -4.71
N ASP C 86 41.56 -6.22 -5.53
CA ASP C 86 42.95 -5.75 -5.60
C ASP C 86 43.09 -4.27 -6.00
N ALA C 87 42.07 -3.71 -6.73
CA ALA C 87 42.02 -2.30 -7.13
C ALA C 87 41.58 -1.36 -5.99
N GLY C 88 41.26 -1.92 -4.82
CA GLY C 88 40.85 -1.16 -3.63
C GLY C 88 39.40 -0.71 -3.60
N ALA C 89 38.48 -1.42 -4.29
CA ALA C 89 37.07 -1.07 -4.35
C ALA C 89 36.25 -1.23 -3.06
N LEU C 90 36.55 -2.24 -2.23
CA LEU C 90 35.75 -2.56 -1.04
C LEU C 90 35.65 -1.40 0.00
N PRO C 91 36.71 -0.73 0.51
CA PRO C 91 36.46 0.37 1.48
C PRO C 91 35.42 1.40 1.02
N ALA C 92 35.53 1.90 -0.25
CA ALA C 92 34.58 2.85 -0.84
C ALA C 92 33.17 2.24 -0.97
N LEU C 93 33.07 0.97 -1.39
CA LEU C 93 31.79 0.29 -1.50
C LEU C 93 31.10 0.18 -0.13
N VAL C 94 31.88 -0.14 0.92
CA VAL C 94 31.34 -0.25 2.28
C VAL C 94 30.93 1.14 2.79
N GLN C 95 31.71 2.18 2.48
CA GLN C 95 31.37 3.56 2.86
C GLN C 95 30.00 3.95 2.27
N LEU C 96 29.72 3.55 1.00
CA LEU C 96 28.46 3.84 0.30
C LEU C 96 27.22 3.18 0.92
N LEU C 97 27.40 2.20 1.84
CA LEU C 97 26.27 1.57 2.55
C LEU C 97 25.55 2.53 3.52
N SER C 98 26.21 3.63 3.90
N SER C 98 26.21 3.64 3.88
CA SER C 98 25.64 4.66 4.76
CA SER C 98 25.66 4.66 4.75
C SER C 98 25.05 5.83 3.94
C SER C 98 25.09 5.84 3.93
N SER C 99 24.94 5.65 2.60
CA SER C 99 24.40 6.68 1.72
C SER C 99 22.88 6.88 1.89
N PRO C 100 22.40 8.13 1.97
CA PRO C 100 20.93 8.35 2.03
C PRO C 100 20.30 8.26 0.61
N ASN C 101 21.14 8.13 -0.43
CA ASN C 101 20.72 8.02 -1.81
C ASN C 101 20.46 6.55 -2.10
N GLU C 102 19.17 6.18 -2.18
CA GLU C 102 18.71 4.80 -2.43
C GLU C 102 19.21 4.20 -3.76
N GLN C 103 19.50 5.04 -4.81
CA GLN C 103 20.02 4.54 -6.10
C GLN C 103 21.45 4.04 -5.94
N ILE C 104 22.30 4.90 -5.33
CA ILE C 104 23.71 4.64 -5.02
C ILE C 104 23.82 3.46 -4.07
N LEU C 105 22.93 3.41 -3.06
CA LEU C 105 22.93 2.34 -2.06
C LEU C 105 22.65 0.97 -2.70
N GLN C 106 21.61 0.90 -3.55
CA GLN C 106 21.26 -0.33 -4.25
C GLN C 106 22.44 -0.78 -5.09
N GLU C 107 23.04 0.16 -5.88
CA GLU C 107 24.20 -0.13 -6.74
C GLU C 107 25.40 -0.58 -5.98
N ALA C 108 25.70 0.06 -4.83
CA ALA C 108 26.80 -0.40 -3.98
C ALA C 108 26.50 -1.82 -3.46
N LEU C 109 25.20 -2.12 -3.14
CA LEU C 109 24.80 -3.44 -2.65
C LEU C 109 25.00 -4.52 -3.71
N TRP C 110 24.66 -4.22 -4.98
N TRP C 110 24.65 -4.22 -4.99
CA TRP C 110 24.83 -5.11 -6.12
CA TRP C 110 24.79 -5.17 -6.10
C TRP C 110 26.28 -5.54 -6.25
C TRP C 110 26.26 -5.52 -6.40
N ALA C 111 27.21 -4.56 -6.22
CA ALA C 111 28.66 -4.78 -6.39
C ALA C 111 29.16 -5.71 -5.27
N LEU C 112 28.86 -5.38 -3.97
CA LEU C 112 29.22 -6.16 -2.80
C LEU C 112 28.69 -7.58 -2.85
N SER C 113 27.41 -7.78 -3.24
CA SER C 113 26.87 -9.14 -3.33
C SER C 113 27.44 -9.90 -4.55
N ASN C 114 27.79 -9.19 -5.63
CA ASN C 114 28.46 -9.84 -6.78
C ASN C 114 29.85 -10.27 -6.35
N ILE C 115 30.55 -9.41 -5.58
CA ILE C 115 31.86 -9.75 -5.04
C ILE C 115 31.72 -10.99 -4.12
N ALA C 116 30.74 -10.96 -3.19
CA ALA C 116 30.41 -12.04 -2.25
C ALA C 116 29.86 -13.31 -2.94
N SER C 117 29.67 -13.26 -4.27
CA SER C 117 29.21 -14.39 -5.08
C SER C 117 30.40 -15.19 -5.60
N GLY C 118 31.62 -14.74 -5.28
CA GLY C 118 32.86 -15.42 -5.65
C GLY C 118 33.22 -16.53 -4.70
N GLY C 119 34.49 -16.92 -4.69
CA GLY C 119 35.02 -17.95 -3.79
C GLY C 119 35.10 -17.47 -2.36
N ASN C 120 35.58 -18.32 -1.45
CA ASN C 120 35.71 -17.98 -0.02
C ASN C 120 36.72 -16.84 0.24
N GLU C 121 37.70 -16.69 -0.65
CA GLU C 121 38.73 -15.66 -0.62
C GLU C 121 38.09 -14.29 -0.91
N GLN C 122 37.13 -14.24 -1.86
CA GLN C 122 36.42 -13.03 -2.25
C GLN C 122 35.41 -12.60 -1.19
N ILE C 123 34.68 -13.57 -0.63
CA ILE C 123 33.73 -13.38 0.47
C ILE C 123 34.49 -12.83 1.71
N GLN C 124 35.67 -13.42 2.02
CA GLN C 124 36.45 -13.03 3.20
C GLN C 124 36.94 -11.57 3.11
N ALA C 125 37.24 -11.11 1.88
CA ALA C 125 37.66 -9.73 1.60
C ALA C 125 36.52 -8.76 1.97
N VAL C 126 35.26 -9.13 1.63
CA VAL C 126 34.02 -8.39 1.94
C VAL C 126 33.85 -8.27 3.45
N ILE C 127 33.99 -9.41 4.19
CA ILE C 127 33.93 -9.47 5.66
C ILE C 127 35.04 -8.57 6.26
N ASP C 128 36.29 -8.74 5.78
CA ASP C 128 37.44 -7.94 6.24
C ASP C 128 37.25 -6.44 6.06
N ALA C 129 36.50 -6.02 5.02
CA ALA C 129 36.20 -4.61 4.71
C ALA C 129 35.07 -4.03 5.58
N GLY C 130 34.61 -4.80 6.57
CA GLY C 130 33.60 -4.43 7.55
C GLY C 130 32.21 -4.19 6.99
N ALA C 131 31.84 -4.93 5.93
CA ALA C 131 30.53 -4.81 5.28
C ALA C 131 29.36 -5.35 6.11
N LEU C 132 29.61 -6.38 6.96
CA LEU C 132 28.59 -7.07 7.75
C LEU C 132 27.77 -6.21 8.73
N PRO C 133 28.34 -5.34 9.61
CA PRO C 133 27.47 -4.57 10.53
C PRO C 133 26.46 -3.71 9.79
N ALA C 134 26.90 -3.10 8.68
CA ALA C 134 26.07 -2.25 7.84
C ALA C 134 24.93 -3.06 7.22
N LEU C 135 25.22 -4.27 6.68
CA LEU C 135 24.24 -5.18 6.08
C LEU C 135 23.17 -5.64 7.11
N VAL C 136 23.59 -5.93 8.36
CA VAL C 136 22.68 -6.31 9.44
C VAL C 136 21.76 -5.13 9.76
N GLN C 137 22.30 -3.89 9.87
CA GLN C 137 21.50 -2.69 10.13
C GLN C 137 20.43 -2.51 9.04
N LEU C 138 20.79 -2.78 7.76
CA LEU C 138 19.86 -2.66 6.61
C LEU C 138 18.66 -3.61 6.67
N LEU C 139 18.74 -4.67 7.51
CA LEU C 139 17.66 -5.64 7.70
C LEU C 139 16.45 -5.04 8.43
N SER C 140 16.66 -3.90 9.09
CA SER C 140 15.65 -3.11 9.80
C SER C 140 15.02 -2.01 8.92
N SER C 141 15.49 -1.88 7.66
CA SER C 141 15.00 -0.88 6.71
C SER C 141 13.53 -1.09 6.31
N PRO C 142 12.70 0.00 6.28
CA PRO C 142 11.32 -0.14 5.78
C PRO C 142 11.26 -0.22 4.25
N ASN C 143 12.40 -0.05 3.56
CA ASN C 143 12.50 -0.11 2.10
C ASN C 143 12.78 -1.56 1.69
N GLU C 144 11.78 -2.20 1.07
CA GLU C 144 11.78 -3.59 0.63
C GLU C 144 12.88 -3.89 -0.37
N GLN C 145 13.21 -2.95 -1.26
CA GLN C 145 14.29 -3.18 -2.23
C GLN C 145 15.64 -3.28 -1.51
N ILE C 146 15.97 -2.30 -0.64
CA ILE C 146 17.19 -2.29 0.15
C ILE C 146 17.29 -3.54 1.03
N LEU C 147 16.16 -3.91 1.70
CA LEU C 147 16.08 -5.10 2.54
C LEU C 147 16.38 -6.36 1.73
N GLN C 148 15.74 -6.50 0.55
CA GLN C 148 15.96 -7.60 -0.39
C GLN C 148 17.44 -7.68 -0.90
N GLU C 149 18.07 -6.51 -1.14
CA GLU C 149 19.46 -6.47 -1.62
C GLU C 149 20.45 -6.87 -0.52
N ALA C 150 20.23 -6.36 0.70
CA ALA C 150 21.03 -6.63 1.89
C ALA C 150 20.97 -8.13 2.25
N LEU C 151 19.76 -8.75 2.15
CA LEU C 151 19.49 -10.18 2.39
C LEU C 151 20.26 -11.04 1.37
N TRP C 152 20.25 -10.61 0.11
CA TRP C 152 20.95 -11.30 -0.96
C TRP C 152 22.48 -11.24 -0.76
N ALA C 153 23.00 -10.09 -0.26
CA ALA C 153 24.41 -9.87 0.04
C ALA C 153 24.83 -10.82 1.18
N LEU C 154 23.99 -10.92 2.24
CA LEU C 154 24.19 -11.82 3.37
C LEU C 154 24.13 -13.31 2.98
N SER C 155 23.22 -13.70 2.06
CA SER C 155 23.09 -15.10 1.61
C SER C 155 24.34 -15.54 0.85
N ASN C 156 24.92 -14.61 0.07
CA ASN C 156 26.13 -14.86 -0.69
C ASN C 156 27.30 -15.01 0.27
N ILE C 157 27.42 -14.13 1.28
CA ILE C 157 28.49 -14.27 2.28
C ILE C 157 28.33 -15.65 3.01
N ALA C 158 27.06 -16.02 3.37
CA ALA C 158 26.67 -17.25 4.08
C ALA C 158 26.71 -18.52 3.20
N SER C 159 27.09 -18.37 1.92
CA SER C 159 27.25 -19.47 0.98
C SER C 159 28.73 -19.92 0.98
N GLY C 160 29.55 -19.26 1.78
CA GLY C 160 30.97 -19.59 1.90
C GLY C 160 31.25 -20.68 2.91
N GLY C 161 32.51 -20.75 3.34
CA GLY C 161 32.97 -21.71 4.35
C GLY C 161 32.45 -21.39 5.74
N ASN C 162 32.55 -22.33 6.70
CA ASN C 162 32.08 -22.17 8.08
C ASN C 162 32.59 -20.91 8.81
N GLU C 163 33.84 -20.47 8.50
CA GLU C 163 34.43 -19.26 9.08
C GLU C 163 33.71 -18.01 8.54
N GLN C 164 33.23 -18.08 7.29
CA GLN C 164 32.47 -17.01 6.62
C GLN C 164 31.04 -16.96 7.20
N ILE C 165 30.40 -18.15 7.38
CA ILE C 165 29.06 -18.25 7.99
C ILE C 165 29.13 -17.69 9.42
N GLN C 166 30.17 -18.09 10.19
CA GLN C 166 30.41 -17.63 11.55
C GLN C 166 30.44 -16.12 11.67
N ALA C 167 31.06 -15.43 10.68
CA ALA C 167 31.13 -13.97 10.67
C ALA C 167 29.72 -13.37 10.59
N VAL C 168 28.80 -13.98 9.80
CA VAL C 168 27.41 -13.51 9.65
C VAL C 168 26.70 -13.60 11.02
N ILE C 169 26.82 -14.76 11.72
CA ILE C 169 26.26 -15.01 13.06
C ILE C 169 26.84 -14.01 14.08
N ASP C 170 28.17 -13.85 14.09
CA ASP C 170 28.88 -12.91 14.97
C ASP C 170 28.42 -11.47 14.77
N ALA C 171 28.08 -11.08 13.52
CA ALA C 171 27.57 -9.75 13.24
C ALA C 171 26.12 -9.52 13.75
N GLY C 172 25.51 -10.57 14.32
CA GLY C 172 24.17 -10.54 14.90
C GLY C 172 23.05 -10.55 13.89
N ALA C 173 23.23 -11.29 12.80
CA ALA C 173 22.22 -11.35 11.74
C ALA C 173 21.00 -12.20 12.09
N LEU C 174 21.19 -13.31 12.85
CA LEU C 174 20.15 -14.31 13.14
C LEU C 174 18.86 -13.74 13.79
N PRO C 175 18.90 -12.88 14.85
CA PRO C 175 17.63 -12.35 15.38
C PRO C 175 16.76 -11.66 14.31
N ALA C 176 17.36 -10.81 13.45
CA ALA C 176 16.62 -10.13 12.37
C ALA C 176 16.07 -11.11 11.32
N LEU C 177 16.85 -12.15 10.98
CA LEU C 177 16.41 -13.18 10.02
C LEU C 177 15.21 -13.98 10.54
N VAL C 178 15.21 -14.31 11.84
CA VAL C 178 14.11 -15.06 12.48
C VAL C 178 12.86 -14.19 12.50
N GLN C 179 13.00 -12.90 12.87
CA GLN C 179 11.89 -11.96 12.93
C GLN C 179 11.25 -11.81 11.55
N LEU C 180 12.08 -11.83 10.48
CA LEU C 180 11.59 -11.78 9.10
C LEU C 180 10.77 -13.01 8.68
N LEU C 181 10.79 -14.12 9.44
CA LEU C 181 9.96 -15.29 9.11
C LEU C 181 8.47 -15.04 9.37
N SER C 182 8.16 -13.98 10.16
CA SER C 182 6.78 -13.59 10.49
C SER C 182 6.23 -12.57 9.49
N SER C 183 7.02 -12.20 8.48
CA SER C 183 6.63 -11.24 7.46
C SER C 183 5.48 -11.74 6.59
N PRO C 184 4.47 -10.88 6.31
CA PRO C 184 3.40 -11.29 5.38
C PRO C 184 3.84 -11.06 3.91
N ASN C 185 5.08 -10.54 3.69
CA ASN C 185 5.65 -10.32 2.35
C ASN C 185 6.40 -11.62 1.98
N GLU C 186 5.88 -12.37 1.01
CA GLU C 186 6.48 -13.67 0.67
C GLU C 186 7.80 -13.58 -0.10
N GLN C 187 8.14 -12.38 -0.63
CA GLN C 187 9.42 -12.15 -1.30
C GLN C 187 10.50 -12.05 -0.19
N ILE C 188 10.25 -11.23 0.86
CA ILE C 188 11.14 -11.12 2.04
C ILE C 188 11.28 -12.52 2.66
N LEU C 189 10.15 -13.21 2.86
CA LEU C 189 10.12 -14.56 3.42
C LEU C 189 11.06 -15.51 2.65
N GLN C 190 10.92 -15.58 1.31
CA GLN C 190 11.78 -16.40 0.46
C GLN C 190 13.27 -16.06 0.64
N GLU C 191 13.58 -14.76 0.78
CA GLU C 191 14.96 -14.28 0.94
C GLU C 191 15.54 -14.57 2.31
N ALA C 192 14.73 -14.43 3.38
CA ALA C 192 15.15 -14.68 4.75
C ALA C 192 15.40 -16.18 4.93
N LEU C 193 14.52 -17.01 4.35
CA LEU C 193 14.60 -18.48 4.35
C LEU C 193 15.86 -18.93 3.63
N TRP C 194 16.17 -18.31 2.47
CA TRP C 194 17.39 -18.60 1.71
C TRP C 194 18.63 -18.23 2.53
N ALA C 195 18.62 -17.09 3.23
CA ALA C 195 19.74 -16.67 4.07
C ALA C 195 19.92 -17.66 5.25
N LEU C 196 18.81 -18.05 5.92
CA LEU C 196 18.88 -19.01 7.02
C LEU C 196 19.33 -20.40 6.53
N SER C 197 18.90 -20.82 5.33
CA SER C 197 19.30 -22.11 4.72
C SER C 197 20.82 -22.15 4.47
N ASN C 198 21.42 -21.05 3.98
CA ASN C 198 22.86 -21.00 3.74
C ASN C 198 23.64 -21.10 5.06
N ILE C 199 23.16 -20.42 6.12
CA ILE C 199 23.78 -20.47 7.45
C ILE C 199 23.68 -21.90 8.01
N ALA C 200 22.49 -22.53 7.87
CA ALA C 200 22.26 -23.91 8.33
C ALA C 200 22.98 -24.97 7.50
N SER C 201 23.68 -24.58 6.41
CA SER C 201 24.44 -25.53 5.59
C SER C 201 25.85 -25.72 6.13
N GLY C 202 26.17 -24.97 7.18
CA GLY C 202 27.47 -25.01 7.83
C GLY C 202 27.63 -26.15 8.80
N GLY C 203 28.50 -25.95 9.79
CA GLY C 203 28.79 -26.92 10.82
C GLY C 203 27.70 -26.98 11.88
N ASN C 204 27.76 -27.98 12.75
CA ASN C 204 26.80 -28.18 13.82
C ASN C 204 26.60 -26.96 14.70
N GLU C 205 27.69 -26.20 14.96
CA GLU C 205 27.68 -24.98 15.77
C GLU C 205 26.92 -23.86 15.06
N GLN C 206 27.00 -23.79 13.73
CA GLN C 206 26.27 -22.79 12.95
C GLN C 206 24.78 -23.09 12.99
N ILE C 207 24.43 -24.39 12.87
CA ILE C 207 23.05 -24.87 12.91
C ILE C 207 22.46 -24.63 14.31
N GLN C 208 23.25 -24.93 15.37
CA GLN C 208 22.83 -24.72 16.75
C GLN C 208 22.48 -23.24 16.99
N ALA C 209 23.26 -22.32 16.38
CA ALA C 209 23.04 -20.88 16.50
C ALA C 209 21.69 -20.46 15.87
N VAL C 210 21.30 -21.07 14.69
CA VAL C 210 20.01 -20.84 14.03
C VAL C 210 18.88 -21.29 15.00
N ILE C 211 19.09 -22.45 15.67
CA ILE C 211 18.15 -23.03 16.64
C ILE C 211 17.97 -22.13 17.85
N ASP C 212 19.10 -21.73 18.47
CA ASP C 212 19.16 -20.86 19.64
C ASP C 212 18.48 -19.52 19.37
N ALA C 213 18.51 -19.06 18.10
CA ALA C 213 17.88 -17.81 17.65
C ALA C 213 16.35 -17.92 17.61
N GLY C 214 15.83 -19.16 17.61
CA GLY C 214 14.40 -19.45 17.61
C GLY C 214 13.74 -19.67 16.27
N ALA C 215 14.51 -20.13 15.27
CA ALA C 215 13.97 -20.34 13.91
C ALA C 215 12.96 -21.48 13.81
N LEU C 216 13.17 -22.58 14.59
CA LEU C 216 12.37 -23.81 14.51
C LEU C 216 10.85 -23.61 14.64
N PRO C 217 10.29 -22.87 15.65
CA PRO C 217 8.82 -22.73 15.69
C PRO C 217 8.25 -22.08 14.43
N ALA C 218 8.91 -21.03 13.91
CA ALA C 218 8.51 -20.34 12.69
C ALA C 218 8.56 -21.29 11.48
N LEU C 219 9.62 -22.11 11.37
CA LEU C 219 9.81 -23.09 10.29
C LEU C 219 8.77 -24.23 10.31
N VAL C 220 8.45 -24.75 11.50
CA VAL C 220 7.47 -25.81 11.67
C VAL C 220 6.06 -25.28 11.34
N GLN C 221 5.74 -24.03 11.75
CA GLN C 221 4.47 -23.38 11.45
C GLN C 221 4.31 -23.22 9.94
N LEU C 222 5.38 -22.75 9.24
CA LEU C 222 5.39 -22.59 7.78
C LEU C 222 5.16 -23.93 7.02
N LEU C 223 5.42 -25.08 7.68
CA LEU C 223 5.16 -26.39 7.09
C LEU C 223 3.64 -26.64 6.92
N SER C 224 2.78 -25.78 7.52
CA SER C 224 1.33 -25.85 7.44
C SER C 224 0.74 -24.83 6.45
N SER C 225 1.61 -24.07 5.76
CA SER C 225 1.22 -23.10 4.76
C SER C 225 0.49 -23.74 3.54
N PRO C 226 -0.62 -23.13 3.08
CA PRO C 226 -1.29 -23.66 1.88
C PRO C 226 -0.53 -23.27 0.59
N ASN C 227 0.51 -22.43 0.75
CA ASN C 227 1.38 -21.96 -0.34
C ASN C 227 2.56 -22.94 -0.42
N GLU C 228 2.57 -23.78 -1.48
CA GLU C 228 3.58 -24.82 -1.74
C GLU C 228 4.97 -24.26 -1.97
N GLN C 229 5.06 -23.03 -2.51
CA GLN C 229 6.33 -22.34 -2.74
C GLN C 229 6.98 -22.03 -1.38
N ILE C 230 6.20 -21.47 -0.42
CA ILE C 230 6.65 -21.17 0.95
C ILE C 230 7.06 -22.48 1.62
N LEU C 231 6.18 -23.49 1.48
CA LEU C 231 6.36 -24.83 2.00
C LEU C 231 7.72 -25.40 1.53
N GLN C 232 8.02 -25.34 0.23
CA GLN C 232 9.28 -25.79 -0.36
C GLN C 232 10.50 -25.09 0.25
N GLU C 233 10.40 -23.76 0.45
CA GLU C 233 11.46 -22.93 1.02
C GLU C 233 11.71 -23.27 2.49
N ALA C 234 10.62 -23.38 3.29
CA ALA C 234 10.70 -23.76 4.71
C ALA C 234 11.26 -25.18 4.85
N LEU C 235 10.87 -26.09 3.93
CA LEU C 235 11.40 -27.47 3.90
C LEU C 235 12.92 -27.50 3.67
N TRP C 236 13.46 -26.66 2.75
N TRP C 236 13.45 -26.64 2.74
CA TRP C 236 14.89 -26.63 2.49
CA TRP C 236 14.89 -26.54 2.43
C TRP C 236 15.71 -26.13 3.69
C TRP C 236 15.67 -26.15 3.67
N ALA C 237 15.19 -25.13 4.42
CA ALA C 237 15.83 -24.58 5.62
C ALA C 237 15.87 -25.63 6.72
N LEU C 238 14.73 -26.33 6.93
CA LEU C 238 14.55 -27.39 7.92
C LEU C 238 15.45 -28.56 7.64
N SER C 239 15.45 -29.04 6.37
CA SER C 239 16.28 -30.15 5.91
C SER C 239 17.77 -29.89 6.16
N ASN C 240 18.25 -28.65 5.93
CA ASN C 240 19.65 -28.26 6.21
C ASN C 240 19.93 -28.38 7.70
N ILE C 241 18.97 -27.96 8.56
CA ILE C 241 19.11 -28.10 10.02
C ILE C 241 19.18 -29.60 10.41
N ALA C 242 18.32 -30.43 9.77
CA ALA C 242 18.26 -31.89 10.04
C ALA C 242 19.54 -32.65 9.57
N SER C 243 20.46 -31.95 8.88
CA SER C 243 21.74 -32.49 8.44
C SER C 243 22.80 -32.32 9.54
N GLY C 244 22.41 -31.70 10.67
CA GLY C 244 23.32 -31.50 11.79
C GLY C 244 23.46 -32.75 12.63
N GLY C 245 24.09 -32.64 13.79
CA GLY C 245 24.27 -33.77 14.70
C GLY C 245 22.95 -34.14 15.39
N ASN C 246 22.99 -35.17 16.25
CA ASN C 246 21.81 -35.63 17.00
C ASN C 246 21.18 -34.55 17.90
N GLU C 247 21.99 -33.64 18.47
CA GLU C 247 21.52 -32.54 19.32
C GLU C 247 20.68 -31.56 18.49
N GLN C 248 21.08 -31.30 17.23
CA GLN C 248 20.36 -30.43 16.29
C GLN C 248 19.09 -31.11 15.83
N LYS C 249 19.15 -32.42 15.54
CA LYS C 249 17.95 -33.18 15.13
C LYS C 249 16.92 -33.26 16.28
N GLN C 250 17.40 -33.39 17.53
CA GLN C 250 16.52 -33.44 18.71
C GLN C 250 15.65 -32.19 18.84
N ALA C 251 16.25 -31.00 18.66
CA ALA C 251 15.52 -29.73 18.72
C ALA C 251 14.42 -29.70 17.65
N VAL C 252 14.70 -30.27 16.45
CA VAL C 252 13.75 -30.33 15.35
C VAL C 252 12.56 -31.18 15.76
N LYS C 253 12.83 -32.36 16.38
CA LYS C 253 11.78 -33.28 16.84
C LYS C 253 10.94 -32.63 17.94
N GLU C 254 11.59 -31.97 18.91
CA GLU C 254 10.87 -31.29 19.99
C GLU C 254 9.99 -30.14 19.49
N ALA C 255 10.26 -29.64 18.27
CA ALA C 255 9.52 -28.55 17.63
C ALA C 255 8.29 -29.09 16.86
N GLY C 256 8.11 -30.41 16.85
CA GLY C 256 6.96 -31.05 16.22
C GLY C 256 7.06 -31.29 14.73
N ALA C 257 8.30 -31.37 14.22
CA ALA C 257 8.50 -31.54 12.79
C ALA C 257 8.24 -32.96 12.29
N LEU C 258 8.47 -34.00 13.11
CA LEU C 258 8.29 -35.42 12.69
C LEU C 258 6.92 -35.72 12.06
N GLU C 259 5.82 -35.39 12.77
CA GLU C 259 4.44 -35.62 12.32
C GLU C 259 4.08 -34.84 11.07
N LYS C 260 4.48 -33.54 11.02
CA LYS C 260 4.25 -32.69 9.86
C LYS C 260 4.98 -33.25 8.64
N LEU C 261 6.29 -33.60 8.76
CA LEU C 261 7.06 -34.18 7.64
C LEU C 261 6.49 -35.53 7.21
N GLU C 262 6.05 -36.37 8.18
CA GLU C 262 5.43 -37.69 7.90
C GLU C 262 4.19 -37.54 7.02
N GLN C 263 3.34 -36.54 7.29
CA GLN C 263 2.11 -36.27 6.55
C GLN C 263 2.39 -35.55 5.20
N LEU C 264 3.48 -34.76 5.13
CA LEU C 264 3.89 -34.03 3.91
C LEU C 264 4.40 -34.97 2.81
N GLN C 265 4.64 -36.25 3.15
CA GLN C 265 5.08 -37.30 2.23
C GLN C 265 3.95 -37.72 1.28
N SER C 266 2.70 -37.39 1.66
CA SER C 266 1.49 -37.69 0.87
C SER C 266 0.96 -36.44 0.14
N HIS C 267 1.68 -35.30 0.24
CA HIS C 267 1.30 -34.04 -0.40
C HIS C 267 1.18 -34.25 -1.92
N GLU C 268 0.11 -33.68 -2.54
CA GLU C 268 -0.13 -33.76 -3.99
C GLU C 268 1.11 -33.33 -4.84
N ASN C 269 1.81 -32.26 -4.43
CA ASN C 269 3.03 -31.74 -5.07
C ASN C 269 4.21 -32.71 -4.88
N GLU C 270 4.76 -33.21 -6.00
CA GLU C 270 5.84 -34.19 -6.04
C GLU C 270 7.16 -33.67 -5.45
N LYS C 271 7.46 -32.35 -5.58
CA LYS C 271 8.68 -31.75 -5.04
C LYS C 271 8.62 -31.67 -3.51
N ILE C 272 7.39 -31.49 -2.93
CA ILE C 272 7.14 -31.45 -1.48
C ILE C 272 7.32 -32.85 -0.95
N GLN C 273 6.75 -33.86 -1.65
CA GLN C 273 6.87 -35.28 -1.33
C GLN C 273 8.30 -35.68 -1.15
N LYS C 274 9.16 -35.34 -2.13
CA LYS C 274 10.59 -35.67 -2.16
C LYS C 274 11.37 -35.00 -1.02
N GLU C 275 11.22 -33.66 -0.86
CA GLU C 275 11.89 -32.89 0.19
C GLU C 275 11.48 -33.33 1.61
N ALA C 276 10.18 -33.63 1.81
CA ALA C 276 9.66 -34.04 3.11
C ALA C 276 10.17 -35.44 3.51
N GLN C 277 10.17 -36.39 2.54
CA GLN C 277 10.68 -37.75 2.76
C GLN C 277 12.20 -37.66 3.12
N GLU C 278 12.95 -36.88 2.34
CA GLU C 278 14.38 -36.61 2.54
C GLU C 278 14.64 -35.95 3.93
N ALA C 279 13.81 -34.97 4.36
CA ALA C 279 13.99 -34.34 5.68
C ALA C 279 13.73 -35.30 6.84
N LEU C 280 12.70 -36.16 6.68
CA LEU C 280 12.29 -37.16 7.67
C LEU C 280 13.39 -38.22 7.84
N GLU C 281 13.95 -38.73 6.72
CA GLU C 281 15.03 -39.75 6.74
C GLU C 281 16.24 -39.25 7.52
N LYS C 282 16.50 -37.92 7.46
CA LYS C 282 17.58 -37.28 8.19
C LYS C 282 17.35 -37.41 9.69
N LEU C 283 16.13 -37.07 10.16
CA LEU C 283 15.73 -37.12 11.57
C LEU C 283 15.63 -38.53 12.15
N GLN C 284 15.36 -39.53 11.28
CA GLN C 284 15.25 -40.95 11.66
C GLN C 284 16.61 -41.65 11.78
N SER C 285 17.68 -40.94 11.37
CA SER C 285 19.07 -41.37 11.43
C SER C 285 19.75 -40.91 12.73
N HIS C 286 20.45 -41.82 13.39
CA HIS C 286 21.21 -41.57 14.61
C HIS C 286 22.68 -41.53 14.20
N SER D 4 2.34 -27.81 -27.18
CA SER D 4 3.42 -26.82 -27.06
C SER D 4 3.67 -26.37 -25.61
N GLU D 5 4.96 -26.16 -25.24
CA GLU D 5 5.44 -25.80 -23.90
C GLU D 5 4.91 -24.48 -23.32
N LEU D 6 4.80 -23.41 -24.14
CA LEU D 6 4.35 -22.10 -23.68
C LEU D 6 2.87 -22.07 -23.26
N PRO D 7 1.88 -22.62 -24.04
CA PRO D 7 0.49 -22.61 -23.54
C PRO D 7 0.32 -23.37 -22.21
N GLN D 8 1.15 -24.43 -21.98
CA GLN D 8 1.15 -25.20 -20.74
C GLN D 8 1.65 -24.34 -19.57
N MET D 9 2.66 -23.48 -19.82
CA MET D 9 3.20 -22.53 -18.84
C MET D 9 2.11 -21.56 -18.44
N VAL D 10 1.37 -21.03 -19.45
CA VAL D 10 0.28 -20.06 -19.27
C VAL D 10 -0.83 -20.66 -18.39
N GLN D 11 -1.18 -21.93 -18.62
CA GLN D 11 -2.16 -22.69 -17.84
C GLN D 11 -1.77 -22.79 -16.38
N GLN D 12 -0.46 -22.82 -16.06
CA GLN D 12 0.02 -22.92 -14.67
C GLN D 12 -0.04 -21.57 -13.91
N LEU D 13 -0.27 -20.45 -14.63
CA LEU D 13 -0.36 -19.12 -13.99
C LEU D 13 -1.57 -18.96 -13.07
N ASN D 14 -2.61 -19.80 -13.22
CA ASN D 14 -3.76 -19.76 -12.30
C ASN D 14 -3.88 -21.04 -11.40
N SER D 15 -2.81 -21.87 -11.36
CA SER D 15 -2.73 -23.10 -10.56
C SER D 15 -2.94 -22.88 -9.07
N PRO D 16 -3.64 -23.81 -8.38
CA PRO D 16 -3.77 -23.69 -6.92
C PRO D 16 -2.45 -24.00 -6.21
N ASP D 17 -1.48 -24.58 -6.95
CA ASP D 17 -0.14 -24.90 -6.45
C ASP D 17 0.80 -23.72 -6.82
N GLN D 18 1.16 -22.91 -5.79
CA GLN D 18 2.02 -21.72 -5.86
C GLN D 18 3.46 -22.01 -6.35
N GLN D 19 3.96 -23.24 -6.12
CA GLN D 19 5.29 -23.64 -6.57
C GLN D 19 5.26 -23.81 -8.08
N GLU D 20 4.26 -24.55 -8.61
CA GLU D 20 4.06 -24.75 -10.05
C GLU D 20 3.82 -23.38 -10.72
N LEU D 21 3.08 -22.49 -10.03
CA LEU D 21 2.77 -21.15 -10.52
C LEU D 21 4.06 -20.34 -10.65
N GLN D 22 4.90 -20.29 -9.58
CA GLN D 22 6.14 -19.53 -9.59
C GLN D 22 7.13 -20.04 -10.62
N SER D 23 7.21 -21.37 -10.84
CA SER D 23 8.11 -21.99 -11.85
C SER D 23 7.71 -21.56 -13.27
N ALA D 24 6.41 -21.67 -13.59
CA ALA D 24 5.82 -21.27 -14.88
C ALA D 24 6.04 -19.78 -15.10
N LEU D 25 5.75 -18.97 -14.05
CA LEU D 25 5.90 -17.53 -14.01
C LEU D 25 7.37 -17.12 -14.22
N ARG D 26 8.32 -17.85 -13.59
CA ARG D 26 9.76 -17.61 -13.74
C ARG D 26 10.25 -17.90 -15.18
N LYS D 27 9.66 -18.92 -15.87
CA LYS D 27 10.04 -19.30 -17.23
C LYS D 27 9.53 -18.32 -18.26
N LEU D 28 8.24 -17.94 -18.16
CA LEU D 28 7.59 -16.98 -19.07
C LEU D 28 8.31 -15.64 -19.01
N SER D 29 8.78 -15.30 -17.80
CA SER D 29 9.53 -14.09 -17.52
C SER D 29 10.90 -14.15 -18.22
N GLN D 30 11.57 -15.32 -18.17
CA GLN D 30 12.86 -15.54 -18.84
C GLN D 30 12.72 -15.46 -20.39
N ILE D 31 11.62 -16.03 -20.95
CA ILE D 31 11.35 -16.02 -22.39
C ILE D 31 11.10 -14.58 -22.87
N ALA D 32 10.20 -13.85 -22.18
CA ALA D 32 9.85 -12.44 -22.45
C ALA D 32 11.04 -11.49 -22.41
N SER D 33 12.14 -11.88 -21.73
CA SER D 33 13.36 -11.09 -21.64
C SER D 33 14.32 -11.38 -22.82
N GLY D 34 13.86 -12.08 -23.86
CA GLY D 34 14.71 -12.44 -24.99
C GLY D 34 14.33 -11.97 -26.39
N GLY D 35 13.93 -10.71 -26.53
CA GLY D 35 13.59 -10.18 -27.84
C GLY D 35 12.14 -10.33 -28.25
N ASN D 36 11.73 -9.52 -29.24
CA ASN D 36 10.38 -9.37 -29.77
C ASN D 36 9.72 -10.66 -30.28
N GLU D 37 10.50 -11.56 -30.93
CA GLU D 37 9.90 -12.82 -31.40
C GLU D 37 9.52 -13.72 -30.22
N GLN D 38 10.36 -13.75 -29.16
CA GLN D 38 10.11 -14.53 -27.95
C GLN D 38 8.93 -13.90 -27.18
N ILE D 39 8.85 -12.54 -27.19
CA ILE D 39 7.76 -11.77 -26.58
C ILE D 39 6.46 -12.16 -27.27
N GLN D 40 6.46 -12.23 -28.62
CA GLN D 40 5.27 -12.62 -29.39
C GLN D 40 4.78 -14.03 -29.05
N ALA D 41 5.72 -14.99 -28.87
CA ALA D 41 5.40 -16.39 -28.52
C ALA D 41 4.63 -16.41 -27.19
N VAL D 42 5.11 -15.65 -26.18
CA VAL D 42 4.50 -15.46 -24.85
C VAL D 42 3.08 -14.83 -25.01
N ILE D 43 2.95 -13.82 -25.89
CA ILE D 43 1.66 -13.16 -26.15
C ILE D 43 0.65 -14.13 -26.78
N ASP D 44 1.09 -14.89 -27.81
CA ASP D 44 0.24 -15.83 -28.56
C ASP D 44 -0.16 -17.08 -27.76
N ALA D 45 0.57 -17.37 -26.67
CA ALA D 45 0.23 -18.49 -25.79
C ALA D 45 -0.88 -18.05 -24.81
N GLY D 46 -1.14 -16.73 -24.77
CA GLY D 46 -2.18 -16.09 -23.97
C GLY D 46 -1.75 -15.66 -22.58
N ALA D 47 -0.44 -15.32 -22.42
CA ALA D 47 0.11 -14.95 -21.11
C ALA D 47 -0.49 -13.69 -20.50
N LEU D 48 -0.72 -12.62 -21.31
CA LEU D 48 -1.18 -11.30 -20.86
C LEU D 48 -2.44 -11.29 -19.93
N PRO D 49 -3.64 -11.87 -20.26
CA PRO D 49 -4.75 -11.85 -19.28
C PRO D 49 -4.40 -12.52 -17.94
N ALA D 50 -3.63 -13.63 -17.98
CA ALA D 50 -3.19 -14.33 -16.77
C ALA D 50 -2.17 -13.50 -15.97
N LEU D 51 -1.20 -12.82 -16.63
CA LEU D 51 -0.25 -11.93 -15.95
C LEU D 51 -0.97 -10.73 -15.34
N VAL D 52 -1.95 -10.15 -16.10
CA VAL D 52 -2.70 -8.98 -15.64
C VAL D 52 -3.52 -9.34 -14.39
N GLN D 53 -4.15 -10.52 -14.39
CA GLN D 53 -4.87 -11.04 -13.23
C GLN D 53 -3.94 -11.11 -11.99
N LEU D 54 -2.67 -11.50 -12.20
CA LEU D 54 -1.66 -11.61 -11.15
C LEU D 54 -1.16 -10.25 -10.57
N LEU D 55 -1.44 -9.11 -11.24
CA LEU D 55 -1.03 -7.79 -10.72
C LEU D 55 -1.80 -7.34 -9.47
N SER D 56 -2.93 -8.01 -9.19
CA SER D 56 -3.80 -7.71 -8.07
C SER D 56 -3.46 -8.59 -6.84
N SER D 57 -2.51 -9.54 -7.01
CA SER D 57 -2.08 -10.48 -5.97
C SER D 57 -1.52 -9.83 -4.71
N PRO D 58 -1.95 -10.29 -3.50
CA PRO D 58 -1.32 -9.79 -2.26
C PRO D 58 0.05 -10.43 -2.00
N ASN D 59 0.42 -11.40 -2.83
CA ASN D 59 1.67 -12.15 -2.72
C ASN D 59 2.73 -11.45 -3.57
N GLU D 60 3.69 -10.75 -2.89
CA GLU D 60 4.79 -9.96 -3.48
C GLU D 60 5.74 -10.80 -4.32
N GLN D 61 5.90 -12.11 -3.97
CA GLN D 61 6.78 -13.01 -4.72
C GLN D 61 6.20 -13.27 -6.12
N ILE D 62 4.88 -13.48 -6.20
CA ILE D 62 4.18 -13.66 -7.48
C ILE D 62 4.22 -12.30 -8.23
N LEU D 63 3.80 -11.22 -7.54
CA LEU D 63 3.74 -9.84 -8.04
C LEU D 63 5.07 -9.35 -8.68
N GLN D 64 6.22 -9.54 -8.00
CA GLN D 64 7.51 -9.12 -8.55
C GLN D 64 7.87 -9.83 -9.86
N GLU D 65 7.55 -11.12 -10.00
CA GLU D 65 7.83 -11.83 -11.24
C GLU D 65 6.82 -11.43 -12.30
N ALA D 66 5.51 -11.30 -11.93
CA ALA D 66 4.47 -10.89 -12.90
C ALA D 66 4.80 -9.52 -13.52
N LEU D 67 5.22 -8.54 -12.69
CA LEU D 67 5.62 -7.19 -13.10
C LEU D 67 6.88 -7.20 -13.99
N TRP D 68 7.89 -8.03 -13.64
CA TRP D 68 9.11 -8.17 -14.44
C TRP D 68 8.77 -8.66 -15.87
N ALA D 69 7.98 -9.74 -15.99
CA ALA D 69 7.49 -10.31 -17.26
C ALA D 69 6.76 -9.26 -18.10
N LEU D 70 5.79 -8.53 -17.48
CA LEU D 70 5.02 -7.49 -18.17
C LEU D 70 5.85 -6.32 -18.64
N SER D 71 6.83 -5.87 -17.81
CA SER D 71 7.79 -4.81 -18.13
C SER D 71 8.60 -5.24 -19.36
N ASN D 72 8.99 -6.54 -19.43
CA ASN D 72 9.76 -7.08 -20.54
C ASN D 72 8.94 -7.15 -21.81
N ILE D 73 7.65 -7.53 -21.71
CA ILE D 73 6.72 -7.56 -22.84
C ILE D 73 6.48 -6.11 -23.34
N ALA D 74 6.32 -5.14 -22.40
CA ALA D 74 6.12 -3.72 -22.73
C ALA D 74 7.38 -3.06 -23.33
N SER D 75 8.52 -3.77 -23.38
CA SER D 75 9.76 -3.28 -23.99
C SER D 75 9.82 -3.66 -25.49
N GLY D 76 8.83 -4.43 -25.94
CA GLY D 76 8.70 -4.86 -27.33
C GLY D 76 8.22 -3.76 -28.27
N GLY D 77 7.74 -4.16 -29.45
CA GLY D 77 7.23 -3.26 -30.47
C GLY D 77 5.91 -2.62 -30.08
N ASN D 78 5.47 -1.59 -30.84
CA ASN D 78 4.22 -0.89 -30.59
C ASN D 78 2.99 -1.80 -30.55
N GLU D 79 2.92 -2.83 -31.44
CA GLU D 79 1.79 -3.77 -31.43
C GLU D 79 1.82 -4.61 -30.15
N GLN D 80 3.03 -4.87 -29.62
CA GLN D 80 3.24 -5.64 -28.38
C GLN D 80 2.82 -4.83 -27.15
N ILE D 81 3.12 -3.50 -27.16
CA ILE D 81 2.72 -2.56 -26.10
C ILE D 81 1.18 -2.48 -26.10
N GLN D 82 0.57 -2.39 -27.30
CA GLN D 82 -0.87 -2.34 -27.52
C GLN D 82 -1.58 -3.56 -26.90
N ALA D 83 -1.02 -4.76 -27.10
CA ALA D 83 -1.56 -5.99 -26.55
C ALA D 83 -1.56 -5.95 -24.99
N VAL D 84 -0.56 -5.30 -24.35
CA VAL D 84 -0.49 -5.11 -22.90
C VAL D 84 -1.66 -4.19 -22.44
N ILE D 85 -1.94 -3.12 -23.22
CA ILE D 85 -3.03 -2.17 -22.94
C ILE D 85 -4.38 -2.87 -23.05
N ASP D 86 -4.61 -3.57 -24.17
CA ASP D 86 -5.86 -4.28 -24.46
C ASP D 86 -6.20 -5.34 -23.42
N ALA D 87 -5.19 -5.96 -22.78
CA ALA D 87 -5.33 -6.96 -21.72
C ALA D 87 -5.74 -6.37 -20.35
N GLY D 88 -5.68 -5.04 -20.23
CA GLY D 88 -6.10 -4.29 -19.05
C GLY D 88 -5.06 -4.09 -17.98
N ALA D 89 -3.78 -3.99 -18.37
CA ALA D 89 -2.67 -3.83 -17.44
C ALA D 89 -2.57 -2.47 -16.75
N LEU D 90 -3.01 -1.41 -17.44
CA LEU D 90 -2.87 -0.03 -16.96
C LEU D 90 -3.59 0.28 -15.64
N PRO D 91 -4.90 -0.06 -15.39
CA PRO D 91 -5.50 0.22 -14.07
C PRO D 91 -4.69 -0.29 -12.89
N ALA D 92 -4.23 -1.57 -12.98
CA ALA D 92 -3.44 -2.23 -11.95
C ALA D 92 -2.07 -1.54 -11.79
N LEU D 93 -1.41 -1.23 -12.91
CA LEU D 93 -0.09 -0.60 -12.91
C LEU D 93 -0.17 0.78 -12.27
N VAL D 94 -1.25 1.56 -12.57
CA VAL D 94 -1.46 2.90 -12.02
C VAL D 94 -1.75 2.77 -10.52
N GLN D 95 -2.60 1.79 -10.12
CA GLN D 95 -2.92 1.55 -8.71
C GLN D 95 -1.64 1.26 -7.88
N LEU D 96 -0.69 0.50 -8.47
CA LEU D 96 0.59 0.15 -7.85
C LEU D 96 1.53 1.35 -7.61
N LEU D 97 1.19 2.55 -8.14
CA LEU D 97 1.99 3.77 -7.97
C LEU D 97 1.91 4.34 -6.55
N SER D 98 0.87 3.94 -5.80
CA SER D 98 0.68 4.34 -4.41
C SER D 98 1.22 3.30 -3.40
N SER D 99 1.86 2.24 -3.89
CA SER D 99 2.42 1.19 -3.06
C SER D 99 3.53 1.69 -2.14
N PRO D 100 3.54 1.30 -0.84
CA PRO D 100 4.68 1.68 0.03
C PRO D 100 5.86 0.70 -0.16
N ASN D 101 5.70 -0.27 -1.07
CA ASN D 101 6.75 -1.24 -1.38
C ASN D 101 7.64 -0.66 -2.50
N GLU D 102 8.85 -0.16 -2.14
CA GLU D 102 9.79 0.45 -3.10
C GLU D 102 10.16 -0.45 -4.25
N GLN D 103 10.29 -1.78 -4.01
CA GLN D 103 10.60 -2.75 -5.05
C GLN D 103 9.44 -2.88 -6.07
N ILE D 104 8.16 -2.98 -5.59
CA ILE D 104 6.98 -3.07 -6.48
C ILE D 104 6.81 -1.76 -7.25
N LEU D 105 6.91 -0.64 -6.54
CA LEU D 105 6.78 0.70 -7.10
C LEU D 105 7.73 0.89 -8.30
N GLN D 106 9.02 0.53 -8.14
CA GLN D 106 9.99 0.69 -9.21
C GLN D 106 9.63 -0.16 -10.44
N GLU D 107 9.20 -1.41 -10.20
CA GLU D 107 8.84 -2.28 -11.29
C GLU D 107 7.61 -1.79 -12.04
N ALA D 108 6.60 -1.27 -11.29
CA ALA D 108 5.36 -0.71 -11.87
C ALA D 108 5.73 0.50 -12.75
N LEU D 109 6.68 1.34 -12.27
CA LEU D 109 7.21 2.52 -12.99
C LEU D 109 7.96 2.11 -14.25
N TRP D 110 8.74 1.00 -14.21
CA TRP D 110 9.46 0.43 -15.36
C TRP D 110 8.46 0.07 -16.46
N ALA D 111 7.38 -0.65 -16.09
CA ALA D 111 6.30 -1.12 -16.98
C ALA D 111 5.55 0.07 -17.60
N LEU D 112 5.18 1.07 -16.79
CA LEU D 112 4.50 2.27 -17.28
C LEU D 112 5.39 3.09 -18.22
N SER D 113 6.71 3.19 -17.92
CA SER D 113 7.70 3.90 -18.76
C SER D 113 7.81 3.26 -20.13
N ASN D 114 7.87 1.90 -20.18
CA ASN D 114 7.96 1.14 -21.42
C ASN D 114 6.70 1.31 -22.25
N ILE D 115 5.51 1.29 -21.63
CA ILE D 115 4.25 1.52 -22.35
C ILE D 115 4.24 2.95 -22.90
N ALA D 116 4.69 3.93 -22.09
CA ALA D 116 4.74 5.33 -22.49
C ALA D 116 5.90 5.61 -23.50
N SER D 117 6.62 4.56 -23.90
CA SER D 117 7.70 4.68 -24.88
C SER D 117 7.15 4.43 -26.31
N GLY D 118 5.87 4.04 -26.42
CA GLY D 118 5.18 3.77 -27.68
C GLY D 118 4.57 4.98 -28.36
N GLY D 119 3.64 4.74 -29.28
CA GLY D 119 2.96 5.78 -30.04
C GLY D 119 2.11 6.69 -29.16
N ASN D 120 1.65 7.83 -29.71
CA ASN D 120 0.87 8.84 -28.97
C ASN D 120 -0.41 8.32 -28.29
N GLU D 121 -1.15 7.40 -28.95
CA GLU D 121 -2.39 6.80 -28.41
C GLU D 121 -2.09 5.95 -27.17
N GLN D 122 -0.97 5.25 -27.21
CA GLN D 122 -0.47 4.42 -26.12
C GLN D 122 -0.05 5.28 -24.94
N ILE D 123 0.55 6.48 -25.20
CA ILE D 123 0.89 7.42 -24.13
C ILE D 123 -0.43 7.97 -23.54
N GLN D 124 -1.42 8.25 -24.43
CA GLN D 124 -2.72 8.75 -24.04
C GLN D 124 -3.45 7.74 -23.15
N ALA D 125 -3.32 6.43 -23.45
CA ALA D 125 -3.94 5.38 -22.63
C ALA D 125 -3.35 5.41 -21.20
N VAL D 126 -2.03 5.70 -21.04
CA VAL D 126 -1.34 5.83 -19.74
C VAL D 126 -1.95 7.01 -18.95
N ILE D 127 -2.10 8.18 -19.62
CA ILE D 127 -2.72 9.40 -19.09
C ILE D 127 -4.17 9.10 -18.67
N ASP D 128 -4.96 8.48 -19.59
CA ASP D 128 -6.37 8.10 -19.36
C ASP D 128 -6.56 7.16 -18.17
N ALA D 129 -5.58 6.24 -17.93
CA ALA D 129 -5.58 5.32 -16.80
C ALA D 129 -5.34 6.05 -15.46
N GLY D 130 -4.92 7.31 -15.54
CA GLY D 130 -4.71 8.19 -14.39
C GLY D 130 -3.34 8.20 -13.76
N ALA D 131 -2.29 7.97 -14.55
CA ALA D 131 -0.91 7.89 -14.07
C ALA D 131 -0.30 9.21 -13.59
N LEU D 132 -0.67 10.35 -14.21
CA LEU D 132 -0.05 11.65 -13.96
C LEU D 132 -0.09 12.20 -12.51
N PRO D 133 -1.21 12.20 -11.74
CA PRO D 133 -1.12 12.71 -10.35
C PRO D 133 -0.12 11.94 -9.48
N ALA D 134 -0.04 10.62 -9.65
CA ALA D 134 0.90 9.81 -8.90
C ALA D 134 2.35 10.13 -9.30
N LEU D 135 2.62 10.28 -10.65
CA LEU D 135 3.95 10.62 -11.18
C LEU D 135 4.43 11.98 -10.74
N VAL D 136 3.53 12.98 -10.75
CA VAL D 136 3.80 14.35 -10.31
C VAL D 136 4.10 14.36 -8.82
N GLN D 137 3.25 13.67 -7.99
CA GLN D 137 3.46 13.59 -6.54
C GLN D 137 4.79 12.91 -6.22
N LEU D 138 5.15 11.84 -6.97
CA LEU D 138 6.41 11.11 -6.80
C LEU D 138 7.63 12.01 -6.99
N LEU D 139 7.48 13.18 -7.67
CA LEU D 139 8.55 14.15 -7.85
C LEU D 139 8.99 14.82 -6.54
N SER D 140 8.21 14.62 -5.47
CA SER D 140 8.51 15.14 -4.15
C SER D 140 9.18 14.07 -3.26
N SER D 141 9.40 12.85 -3.78
CA SER D 141 10.02 11.75 -3.01
C SER D 141 11.46 12.04 -2.52
N PRO D 142 11.82 11.70 -1.26
CA PRO D 142 13.23 11.83 -0.84
C PRO D 142 14.04 10.63 -1.36
N ASN D 143 13.36 9.66 -2.00
CA ASN D 143 14.00 8.48 -2.56
C ASN D 143 14.39 8.76 -4.04
N GLU D 144 15.70 8.95 -4.28
CA GLU D 144 16.31 9.23 -5.59
C GLU D 144 16.00 8.19 -6.64
N GLN D 145 15.96 6.89 -6.26
CA GLN D 145 15.64 5.86 -7.22
C GLN D 145 14.23 6.07 -7.83
N ILE D 146 13.21 6.27 -6.98
CA ILE D 146 11.81 6.48 -7.36
C ILE D 146 11.64 7.79 -8.11
N LEU D 147 12.29 8.85 -7.60
CA LEU D 147 12.25 10.16 -8.23
C LEU D 147 12.78 10.02 -9.70
N GLN D 148 13.91 9.32 -9.90
CA GLN D 148 14.49 9.09 -11.23
C GLN D 148 13.57 8.28 -12.13
N GLU D 149 12.97 7.20 -11.63
CA GLU D 149 12.05 6.39 -12.41
C GLU D 149 10.79 7.18 -12.80
N ALA D 150 10.31 8.06 -11.91
CA ALA D 150 9.11 8.84 -12.14
C ALA D 150 9.38 9.90 -13.20
N LEU D 151 10.59 10.49 -13.17
CA LEU D 151 11.06 11.46 -14.17
C LEU D 151 11.12 10.84 -15.54
N TRP D 152 11.63 9.60 -15.64
N TRP D 152 11.63 9.58 -15.62
CA TRP D 152 11.74 8.91 -16.92
CA TRP D 152 11.76 8.78 -16.85
C TRP D 152 10.35 8.62 -17.51
C TRP D 152 10.37 8.60 -17.49
N ALA D 153 9.39 8.17 -16.66
CA ALA D 153 8.00 7.91 -17.06
C ALA D 153 7.35 9.24 -17.51
N LEU D 154 7.62 10.33 -16.79
CA LEU D 154 7.12 11.66 -17.17
C LEU D 154 7.73 12.18 -18.49
N SER D 155 9.06 12.00 -18.71
CA SER D 155 9.72 12.42 -19.94
C SER D 155 9.16 11.66 -21.14
N ASN D 156 8.94 10.34 -20.97
CA ASN D 156 8.38 9.48 -21.99
C ASN D 156 6.98 9.91 -22.39
N ILE D 157 6.13 10.28 -21.40
CA ILE D 157 4.78 10.78 -21.66
C ILE D 157 4.88 12.13 -22.42
N ALA D 158 5.69 13.07 -21.88
CA ALA D 158 5.91 14.41 -22.46
C ALA D 158 6.62 14.34 -23.84
N SER D 159 7.04 13.14 -24.26
CA SER D 159 7.68 12.98 -25.56
C SER D 159 6.63 12.76 -26.66
N GLY D 160 5.35 12.67 -26.28
CA GLY D 160 4.23 12.53 -27.20
C GLY D 160 3.81 13.85 -27.84
N GLY D 161 2.63 13.85 -28.45
CA GLY D 161 2.08 15.02 -29.14
C GLY D 161 1.58 16.16 -28.27
N ASN D 162 0.90 17.12 -28.91
CA ASN D 162 0.33 18.33 -28.31
C ASN D 162 -0.55 18.00 -27.09
N GLU D 163 -1.51 17.07 -27.24
CA GLU D 163 -2.45 16.64 -26.19
C GLU D 163 -1.74 16.01 -24.98
N GLN D 164 -0.71 15.18 -25.22
CA GLN D 164 0.05 14.48 -24.17
C GLN D 164 0.88 15.45 -23.34
N ILE D 165 1.62 16.36 -24.01
CA ILE D 165 2.41 17.42 -23.37
C ILE D 165 1.49 18.26 -22.50
N GLN D 166 0.31 18.62 -23.02
CA GLN D 166 -0.67 19.45 -22.33
C GLN D 166 -1.19 18.82 -21.04
N ALA D 167 -1.44 17.49 -21.04
CA ALA D 167 -1.87 16.75 -19.84
C ALA D 167 -0.76 16.78 -18.77
N VAL D 168 0.52 16.72 -19.21
CA VAL D 168 1.68 16.79 -18.33
C VAL D 168 1.69 18.16 -17.65
N ILE D 169 1.42 19.25 -18.42
CA ILE D 169 1.38 20.62 -17.87
C ILE D 169 0.17 20.77 -16.93
N ASP D 170 -1.00 20.31 -17.38
CA ASP D 170 -2.24 20.39 -16.62
C ASP D 170 -2.16 19.59 -15.27
N ALA D 171 -1.33 18.52 -15.22
CA ALA D 171 -1.13 17.74 -13.99
C ALA D 171 -0.22 18.44 -12.92
N GLY D 172 0.32 19.60 -13.26
CA GLY D 172 1.18 20.38 -12.38
C GLY D 172 2.64 19.96 -12.35
N ALA D 173 3.13 19.26 -13.38
CA ALA D 173 4.53 18.84 -13.42
C ALA D 173 5.58 19.99 -13.45
N LEU D 174 5.27 21.13 -14.12
CA LEU D 174 6.21 22.23 -14.34
C LEU D 174 6.78 22.88 -13.07
N PRO D 175 6.01 23.32 -12.02
CA PRO D 175 6.67 23.87 -10.82
C PRO D 175 7.66 22.90 -10.18
N ALA D 176 7.29 21.60 -10.12
CA ALA D 176 8.12 20.53 -9.54
C ALA D 176 9.41 20.32 -10.34
N LEU D 177 9.31 20.36 -11.68
CA LEU D 177 10.45 20.23 -12.58
C LEU D 177 11.41 21.42 -12.46
N VAL D 178 10.85 22.66 -12.36
CA VAL D 178 11.64 23.90 -12.23
C VAL D 178 12.47 23.86 -10.93
N GLN D 179 11.87 23.41 -9.82
CA GLN D 179 12.58 23.28 -8.55
C GLN D 179 13.73 22.27 -8.61
N LEU D 180 13.53 21.15 -9.34
CA LEU D 180 14.55 20.09 -9.46
C LEU D 180 15.82 20.56 -10.18
N LEU D 181 15.74 21.69 -10.91
CA LEU D 181 16.91 22.29 -11.57
C LEU D 181 17.89 22.88 -10.56
N SER D 182 17.47 23.04 -9.30
CA SER D 182 18.33 23.53 -8.22
C SER D 182 18.87 22.34 -7.41
N SER D 183 18.64 21.08 -7.89
CA SER D 183 19.15 19.87 -7.25
C SER D 183 20.69 19.77 -7.27
N PRO D 184 21.32 19.32 -6.17
CA PRO D 184 22.78 19.13 -6.19
C PRO D 184 23.16 17.78 -6.81
N ASN D 185 22.16 17.00 -7.21
CA ASN D 185 22.27 15.69 -7.80
C ASN D 185 22.21 15.82 -9.32
N GLU D 186 23.34 15.52 -9.96
CA GLU D 186 23.50 15.61 -11.42
C GLU D 186 22.65 14.61 -12.18
N GLN D 187 22.35 13.44 -11.57
CA GLN D 187 21.46 12.45 -12.21
C GLN D 187 20.03 13.03 -12.26
N ILE D 188 19.54 13.59 -11.13
CA ILE D 188 18.19 14.18 -11.06
C ILE D 188 18.07 15.36 -12.04
N LEU D 189 19.09 16.24 -12.08
CA LEU D 189 19.19 17.41 -12.95
C LEU D 189 19.07 17.03 -14.43
N GLN D 190 19.80 16.01 -14.88
CA GLN D 190 19.75 15.49 -16.25
C GLN D 190 18.34 15.04 -16.62
N GLU D 191 17.69 14.30 -15.70
CA GLU D 191 16.36 13.76 -15.93
C GLU D 191 15.29 14.82 -15.93
N ALA D 192 15.40 15.81 -15.00
CA ALA D 192 14.45 16.91 -14.93
C ALA D 192 14.64 17.80 -16.18
N LEU D 193 15.90 18.00 -16.64
CA LEU D 193 16.18 18.73 -17.88
C LEU D 193 15.67 18.01 -19.13
N TRP D 194 15.68 16.66 -19.14
N TRP D 194 15.70 16.66 -19.14
CA TRP D 194 15.15 15.90 -20.28
CA TRP D 194 15.19 15.87 -20.26
C TRP D 194 13.63 16.09 -20.34
C TRP D 194 13.65 16.03 -20.34
N ALA D 195 12.94 15.98 -19.17
CA ALA D 195 11.49 16.18 -19.08
C ALA D 195 11.10 17.60 -19.50
N LEU D 196 11.82 18.65 -19.02
CA LEU D 196 11.53 20.03 -19.42
C LEU D 196 11.75 20.25 -20.95
N SER D 197 12.81 19.65 -21.52
CA SER D 197 13.14 19.72 -22.96
C SER D 197 11.99 19.16 -23.80
N ASN D 198 11.38 18.04 -23.35
CA ASN D 198 10.25 17.40 -24.04
C ASN D 198 9.00 18.27 -24.03
N ILE D 199 8.70 18.91 -22.88
CA ILE D 199 7.55 19.80 -22.77
C ILE D 199 7.76 21.02 -23.66
N ALA D 200 8.99 21.55 -23.68
CA ALA D 200 9.34 22.73 -24.49
C ALA D 200 9.49 22.38 -25.97
N SER D 201 9.27 21.11 -26.37
CA SER D 201 9.29 20.68 -27.77
C SER D 201 7.84 20.64 -28.32
N GLY D 202 6.90 21.17 -27.55
CA GLY D 202 5.51 21.28 -27.97
C GLY D 202 5.25 22.63 -28.61
N GLY D 203 3.98 23.05 -28.60
CA GLY D 203 3.57 24.35 -29.15
C GLY D 203 4.11 25.55 -28.42
N ASN D 204 3.96 26.74 -28.99
CA ASN D 204 4.45 28.00 -28.42
C ASN D 204 3.83 28.26 -27.06
N GLU D 205 2.52 27.94 -26.90
CA GLU D 205 1.77 28.13 -25.65
C GLU D 205 2.34 27.21 -24.56
N GLN D 206 2.76 25.99 -24.95
CA GLN D 206 3.39 24.99 -24.07
C GLN D 206 4.80 25.44 -23.69
N ILE D 207 5.55 26.05 -24.63
CA ILE D 207 6.88 26.65 -24.37
C ILE D 207 6.68 27.84 -23.41
N GLN D 208 5.59 28.61 -23.59
CA GLN D 208 5.24 29.73 -22.72
C GLN D 208 4.91 29.24 -21.31
N ALA D 209 4.23 28.07 -21.17
CA ALA D 209 3.96 27.47 -19.85
C ALA D 209 5.31 27.16 -19.13
N VAL D 210 6.32 26.62 -19.86
CA VAL D 210 7.65 26.35 -19.30
C VAL D 210 8.28 27.70 -18.76
N ILE D 211 8.20 28.77 -19.58
CA ILE D 211 8.72 30.10 -19.24
C ILE D 211 7.96 30.69 -18.03
N ASP D 212 6.60 30.63 -18.06
CA ASP D 212 5.71 31.09 -16.96
C ASP D 212 6.04 30.39 -15.63
N ALA D 213 6.53 29.13 -15.70
CA ALA D 213 6.90 28.33 -14.54
C ALA D 213 8.22 28.77 -13.89
N GLY D 214 8.98 29.64 -14.56
CA GLY D 214 10.24 30.18 -14.07
C GLY D 214 11.50 29.40 -14.44
N ALA D 215 11.47 28.68 -15.57
CA ALA D 215 12.60 27.86 -16.03
C ALA D 215 13.81 28.63 -16.56
N LEU D 216 13.60 29.79 -17.19
CA LEU D 216 14.70 30.56 -17.79
C LEU D 216 15.78 31.01 -16.79
N PRO D 217 15.50 31.65 -15.62
CA PRO D 217 16.61 32.00 -14.71
C PRO D 217 17.50 30.81 -14.33
N ALA D 218 16.85 29.65 -14.06
CA ALA D 218 17.47 28.36 -13.73
C ALA D 218 18.35 27.90 -14.85
N LEU D 219 17.79 27.81 -16.09
CA LEU D 219 18.53 27.39 -17.28
C LEU D 219 19.73 28.28 -17.58
N VAL D 220 19.54 29.62 -17.56
CA VAL D 220 20.57 30.63 -17.80
C VAL D 220 21.65 30.50 -16.71
N GLN D 221 21.25 30.16 -15.47
CA GLN D 221 22.19 29.94 -14.36
C GLN D 221 23.09 28.74 -14.67
N LEU D 222 22.48 27.62 -15.14
CA LEU D 222 23.21 26.40 -15.49
C LEU D 222 24.19 26.59 -16.68
N LEU D 223 24.10 27.70 -17.44
CA LEU D 223 25.03 27.97 -18.54
C LEU D 223 26.40 28.37 -18.02
N SER D 224 26.49 28.77 -16.74
CA SER D 224 27.74 29.14 -16.07
C SER D 224 28.45 27.93 -15.44
N SER D 225 27.85 26.72 -15.58
CA SER D 225 28.37 25.46 -15.04
C SER D 225 29.70 25.04 -15.67
N PRO D 226 30.68 24.62 -14.82
CA PRO D 226 31.95 24.15 -15.38
C PRO D 226 31.81 22.70 -15.89
N ASN D 227 30.66 22.06 -15.62
CA ASN D 227 30.35 20.70 -16.04
C ASN D 227 29.69 20.73 -17.45
N GLU D 228 30.44 20.24 -18.46
CA GLU D 228 30.06 20.19 -19.88
C GLU D 228 28.85 19.33 -20.16
N GLN D 229 28.64 18.29 -19.35
CA GLN D 229 27.48 17.41 -19.47
C GLN D 229 26.19 18.20 -19.08
N ILE D 230 26.22 18.95 -17.95
CA ILE D 230 25.11 19.83 -17.54
C ILE D 230 24.89 20.91 -18.63
N LEU D 231 25.99 21.49 -19.18
CA LEU D 231 25.95 22.51 -20.22
C LEU D 231 25.16 22.01 -21.42
N GLN D 232 25.47 20.78 -21.90
CA GLN D 232 24.83 20.10 -23.02
C GLN D 232 23.32 19.91 -22.77
N GLU D 233 22.97 19.46 -21.57
CA GLU D 233 21.59 19.21 -21.13
C GLU D 233 20.79 20.50 -21.01
N ALA D 234 21.42 21.56 -20.46
CA ALA D 234 20.79 22.87 -20.32
C ALA D 234 20.63 23.52 -21.70
N LEU D 235 21.61 23.31 -22.60
CA LEU D 235 21.58 23.86 -23.95
C LEU D 235 20.45 23.25 -24.80
N TRP D 236 20.19 21.92 -24.69
CA TRP D 236 19.08 21.23 -25.36
C TRP D 236 17.76 21.84 -24.92
N ALA D 237 17.60 22.04 -23.59
CA ALA D 237 16.40 22.66 -22.99
C ALA D 237 16.17 24.08 -23.54
N LEU D 238 17.21 24.95 -23.46
CA LEU D 238 17.16 26.34 -23.94
C LEU D 238 16.95 26.48 -25.44
N SER D 239 17.61 25.61 -26.24
CA SER D 239 17.48 25.59 -27.70
C SER D 239 16.02 25.25 -28.11
N ASN D 240 15.35 24.35 -27.37
CA ASN D 240 13.96 23.98 -27.61
C ASN D 240 12.99 25.18 -27.38
N ILE D 241 13.27 25.99 -26.36
CA ILE D 241 12.51 27.20 -26.04
C ILE D 241 12.79 28.25 -27.13
N ALA D 242 14.07 28.35 -27.56
CA ALA D 242 14.57 29.25 -28.60
C ALA D 242 13.82 29.04 -29.92
N SER D 243 13.29 27.81 -30.14
CA SER D 243 12.51 27.38 -31.31
C SER D 243 11.05 27.84 -31.28
N GLY D 244 10.64 28.45 -30.17
CA GLY D 244 9.30 29.02 -30.03
C GLY D 244 9.11 30.30 -30.84
N GLY D 245 7.95 30.94 -30.67
CA GLY D 245 7.61 32.18 -31.34
C GLY D 245 8.37 33.38 -30.81
N ASN D 246 8.07 34.58 -31.33
CA ASN D 246 8.75 35.82 -30.94
C ASN D 246 8.61 36.20 -29.46
N GLU D 247 7.48 35.88 -28.81
CA GLU D 247 7.30 36.20 -27.39
C GLU D 247 8.29 35.37 -26.54
N GLN D 248 8.41 34.06 -26.86
CA GLN D 248 9.30 33.09 -26.22
C GLN D 248 10.77 33.46 -26.48
N LYS D 249 11.13 33.75 -27.76
CA LYS D 249 12.48 34.20 -28.17
C LYS D 249 12.90 35.42 -27.32
N GLN D 250 11.99 36.40 -27.20
CA GLN D 250 12.18 37.64 -26.43
C GLN D 250 12.36 37.38 -24.93
N ALA D 251 11.63 36.39 -24.37
CA ALA D 251 11.70 36.02 -22.96
C ALA D 251 13.08 35.43 -22.60
N VAL D 252 13.68 34.69 -23.56
CA VAL D 252 15.01 34.08 -23.42
C VAL D 252 16.05 35.19 -23.42
N LYS D 253 15.89 36.21 -24.30
CA LYS D 253 16.80 37.36 -24.37
C LYS D 253 16.72 38.17 -23.09
N GLU D 254 15.50 38.36 -22.56
CA GLU D 254 15.23 39.11 -21.33
C GLU D 254 15.85 38.47 -20.09
N ALA D 255 15.99 37.12 -20.09
CA ALA D 255 16.59 36.32 -19.03
C ALA D 255 18.14 36.39 -19.02
N GLY D 256 18.72 37.09 -20.00
CA GLY D 256 20.16 37.28 -20.14
C GLY D 256 20.94 36.11 -20.73
N ALA D 257 20.31 35.33 -21.64
CA ALA D 257 20.92 34.17 -22.26
C ALA D 257 21.95 34.48 -23.34
N LEU D 258 21.74 35.56 -24.15
CA LEU D 258 22.62 35.92 -25.28
C LEU D 258 24.09 36.06 -24.91
N GLU D 259 24.41 36.75 -23.79
CA GLU D 259 25.78 36.94 -23.31
C GLU D 259 26.45 35.59 -23.07
N LYS D 260 25.76 34.68 -22.37
CA LYS D 260 26.25 33.35 -22.03
C LYS D 260 26.46 32.50 -23.29
N LEU D 261 25.48 32.50 -24.21
CA LEU D 261 25.57 31.74 -25.47
C LEU D 261 26.71 32.26 -26.37
N GLU D 262 26.92 33.60 -26.41
CA GLU D 262 28.00 34.25 -27.18
C GLU D 262 29.37 33.73 -26.71
N GLN D 263 29.53 33.58 -25.38
CA GLN D 263 30.73 33.05 -24.73
C GLN D 263 30.88 31.56 -25.05
N LEU D 264 29.77 30.79 -24.96
CA LEU D 264 29.74 29.33 -25.19
C LEU D 264 29.97 28.94 -26.66
N GLN D 265 29.96 29.91 -27.60
CA GLN D 265 30.26 29.66 -29.02
C GLN D 265 31.77 29.41 -29.19
N SER D 266 32.57 29.79 -28.17
CA SER D 266 34.03 29.67 -28.14
C SER D 266 34.52 28.54 -27.18
N HIS D 267 33.60 27.68 -26.69
CA HIS D 267 33.94 26.58 -25.80
C HIS D 267 34.78 25.51 -26.53
N GLU D 268 35.79 24.95 -25.83
CA GLU D 268 36.67 23.89 -26.30
C GLU D 268 35.90 22.65 -26.79
N ASN D 269 34.75 22.34 -26.14
CA ASN D 269 33.88 21.22 -26.49
C ASN D 269 33.06 21.57 -27.74
N GLU D 270 33.31 20.84 -28.85
CA GLU D 270 32.67 21.00 -30.15
C GLU D 270 31.14 20.86 -30.09
N LYS D 271 30.62 19.92 -29.27
CA LYS D 271 29.18 19.69 -29.07
C LYS D 271 28.55 20.90 -28.39
N ILE D 272 29.21 21.46 -27.32
CA ILE D 272 28.74 22.66 -26.61
C ILE D 272 28.69 23.86 -27.60
N GLN D 273 29.80 24.06 -28.33
CA GLN D 273 30.03 25.12 -29.31
C GLN D 273 28.91 25.15 -30.38
N LYS D 274 28.58 23.99 -30.96
CA LYS D 274 27.54 23.82 -31.98
C LYS D 274 26.13 24.12 -31.42
N GLU D 275 25.79 23.58 -30.22
CA GLU D 275 24.50 23.77 -29.56
C GLU D 275 24.23 25.22 -29.20
N ALA D 276 25.26 25.94 -28.70
CA ALA D 276 25.20 27.36 -28.34
C ALA D 276 25.01 28.20 -29.59
N GLN D 277 25.74 27.88 -30.70
CA GLN D 277 25.68 28.59 -31.99
C GLN D 277 24.29 28.47 -32.59
N GLU D 278 23.69 27.27 -32.50
CA GLU D 278 22.36 26.97 -33.01
C GLU D 278 21.27 27.67 -32.19
N ALA D 279 21.39 27.67 -30.85
CA ALA D 279 20.47 28.36 -29.95
C ALA D 279 20.50 29.88 -30.20
N LEU D 280 21.70 30.47 -30.35
CA LEU D 280 21.90 31.89 -30.63
C LEU D 280 21.33 32.25 -32.03
N GLU D 281 21.51 31.35 -33.02
CA GLU D 281 20.98 31.55 -34.38
C GLU D 281 19.46 31.60 -34.37
N LYS D 282 18.80 30.79 -33.54
CA LYS D 282 17.34 30.78 -33.43
C LYS D 282 16.83 32.06 -32.79
N LEU D 283 17.60 32.64 -31.84
CA LEU D 283 17.22 33.84 -31.11
C LEU D 283 17.38 35.10 -31.94
N GLN D 284 18.45 35.18 -32.74
CA GLN D 284 18.75 36.34 -33.59
C GLN D 284 17.95 36.32 -34.92
N SER D 285 16.88 35.49 -34.99
CA SER D 285 15.98 35.33 -36.14
C SER D 285 14.66 36.07 -35.91
N ARG E 1 -25.28 -12.44 3.07
CA ARG E 1 -25.32 -11.39 4.10
C ARG E 1 -24.82 -10.02 3.61
N ARG E 2 -25.67 -9.28 2.87
CA ARG E 2 -25.41 -7.92 2.33
C ARG E 2 -25.29 -6.90 3.47
N ARG E 3 -24.72 -5.72 3.17
CA ARG E 3 -24.61 -4.61 4.11
C ARG E 3 -24.60 -3.30 3.38
N ARG E 4 -25.68 -2.53 3.55
CA ARG E 4 -25.85 -1.21 2.95
C ARG E 4 -25.51 -0.22 4.06
N ARG E 5 -24.57 0.72 3.81
CA ARG E 5 -24.15 1.71 4.81
C ARG E 5 -24.40 3.16 4.40
N ARG E 6 -25.12 3.91 5.26
CA ARG E 6 -25.43 5.33 5.05
C ARG E 6 -24.20 6.19 5.36
N ARG E 7 -23.94 7.22 4.51
CA ARG E 7 -22.77 8.11 4.63
C ARG E 7 -22.89 9.05 5.83
C1 EDO F . -2.60 -5.97 10.95
O1 EDO F . -3.06 -6.09 9.63
C2 EDO F . -2.50 -4.47 11.35
O2 EDO F . -2.61 -4.32 12.77
C1 EDO G . -32.62 -7.21 -17.01
O1 EDO G . -33.10 -6.84 -15.73
C2 EDO G . -33.50 -8.36 -17.54
O2 EDO G . -34.84 -7.89 -17.59
C1 EDO H . -4.19 2.63 -0.54
O1 EDO H . -3.90 2.42 -1.90
C2 EDO H . -2.91 2.97 0.22
O2 EDO H . -2.66 4.36 0.10
CA CA I . -2.42 10.24 -1.71
CA CA J . -31.54 -26.30 11.12
CA CA K . -6.49 -4.94 18.48
CA CA L . -15.63 -10.68 25.83
CA CA M . -27.94 -16.26 29.87
C1 EDO N . -26.46 -14.23 28.70
O1 EDO N . -27.58 -13.38 28.54
C2 EDO N . -25.15 -13.51 28.33
O2 EDO N . -24.07 -14.29 28.83
CA CA O . -1.93 2.30 8.35
CA CA P . -6.48 19.76 -11.30
C1 EDO Q . -21.50 7.80 13.15
O1 EDO Q . -20.48 8.33 13.98
C2 EDO Q . -22.89 8.37 13.56
O2 EDO Q . -23.02 9.73 13.16
C1 EDO R . -13.60 -3.93 25.95
O1 EDO R . -13.50 -5.15 26.69
C2 EDO R . -12.41 -2.99 26.27
O2 EDO R . -11.32 -3.25 25.39
C1 EDO S . 3.02 13.73 15.04
O1 EDO S . 3.90 13.57 16.14
C2 EDO S . 3.33 12.65 13.97
O2 EDO S . 2.38 12.75 12.92
CA CA T . -15.31 42.00 -2.46
C1 EDO U . 15.69 3.24 4.59
O1 EDO U . 15.90 2.33 5.66
C2 EDO U . 17.03 3.82 4.16
O2 EDO U . 17.92 2.78 3.82
C1 EDO V . 18.68 -31.08 23.66
O1 EDO V . 19.56 -31.54 22.65
C2 EDO V . 17.28 -30.78 23.06
O2 EDO V . 16.34 -30.73 24.12
CA CA W . 26.08 16.13 -6.62
CA CA X . 17.17 9.52 -0.26
CA CA Y . 8.50 0.29 2.18
CA CA Z . 1.80 -10.76 1.13
CA CA AA . -1.65 -24.03 -2.60
CA CA BA . 20.21 -41.64 6.38
CA CA CA . 43.28 11.63 -18.85
CA CA DA . 12.19 -44.68 5.62
CA CA EA . 34.53 20.60 -16.84
C1 EDO FA . 7.40 6.05 -1.83
O1 EDO FA . 7.23 5.40 -0.58
C2 EDO FA . 8.75 6.83 -1.83
O2 EDO FA . 8.66 7.97 -0.99
C1 EDO GA . 7.75 11.28 -30.69
O1 EDO GA . 8.45 12.39 -30.15
C2 EDO GA . 6.24 11.52 -30.41
O2 EDO GA . 5.44 10.95 -31.42
C1 EDO HA . 18.70 20.85 -31.92
O1 EDO HA . 18.69 21.55 -30.68
C2 EDO HA . 20.18 20.53 -32.28
O2 EDO HA . 20.28 19.90 -33.54
C1 EDO IA . 10.88 0.86 -26.41
O1 EDO IA . 10.06 -0.26 -26.18
C2 EDO IA . 11.87 1.06 -25.22
O2 EDO IA . 11.22 1.00 -23.96
C1 EDO JA . 24.58 21.60 -9.31
O1 EDO JA . 24.17 22.14 -10.54
C2 EDO JA . 25.69 20.54 -9.57
O2 EDO JA . 26.85 21.22 -10.03
CA CA KA . -5.27 -23.72 -15.19
#